data_7N43
#
_entry.id   7N43
#
_cell.length_a   169.363
_cell.length_b   169.363
_cell.length_c   124.343
_cell.angle_alpha   90.00
_cell.angle_beta   90.00
_cell.angle_gamma   90.00
#
_symmetry.space_group_name_H-M   'P 4 21 2'
#
loop_
_entity.id
_entity.type
_entity.pdbx_description
1 polymer 'Acetylcholine-binding protein'
2 polymer 'Alpha-conotoxin OmIA'
3 water water
#
loop_
_entity_poly.entity_id
_entity_poly.type
_entity_poly.pdbx_seq_one_letter_code
_entity_poly.pdbx_strand_id
1 'polypeptide(L)'
;LDRADILYNIRQTSRPDVIPTQRDRPVAVSVSLKFINILEVNEITNEVDVVFWQQTTWSDRTLAWNSSHSPDQVSVPISS
LWVPDLAAYNAISKPEVLTPQLARVVSDGEVLYMPSIRQRFSCDVSGVDTESGATCRIKIGSWTHHSREISVDPTTENSD
DSEYFSQYSRFEILDVTQKKNSVTYSCCPEAYEDVEVSLNFRKKGRSEIL
;
A,B,C,D,E
2 'polypeptide(L)' GCCSHPACNVNNPHICG(NH2) F,G,H,I,J
#
loop_
_chem_comp.id
_chem_comp.type
_chem_comp.name
_chem_comp.formula
NH2 non-polymer 'AMINO GROUP' 'H2 N'
#
# COMPACT_ATOMS: atom_id res chain seq x y z
N LEU A 1 -22.51 30.30 12.40
CA LEU A 1 -21.79 29.22 11.67
C LEU A 1 -21.81 27.96 12.52
N ASP A 2 -22.23 26.85 11.91
CA ASP A 2 -22.09 25.54 12.49
C ASP A 2 -20.80 24.89 11.96
N ARG A 3 -20.51 23.67 12.42
CA ARG A 3 -19.29 22.93 12.06
C ARG A 3 -19.25 22.68 10.55
N ALA A 4 -20.41 22.39 9.96
CA ALA A 4 -20.46 22.12 8.52
C ALA A 4 -20.00 23.36 7.72
N ASP A 5 -20.48 24.54 8.11
CA ASP A 5 -20.09 25.80 7.51
C ASP A 5 -18.60 26.05 7.58
N ILE A 6 -18.04 25.83 8.78
CA ILE A 6 -16.63 26.06 9.00
C ILE A 6 -15.80 25.16 8.12
N LEU A 7 -16.18 23.87 8.06
CA LEU A 7 -15.47 22.90 7.26
C LEU A 7 -15.58 23.22 5.79
N TYR A 8 -16.77 23.64 5.35
CA TYR A 8 -17.00 24.10 3.95
C TYR A 8 -16.07 25.28 3.66
N ASN A 9 -16.02 26.28 4.54
CA ASN A 9 -15.15 27.43 4.34
C ASN A 9 -13.69 27.06 4.28
N ILE A 10 -13.27 26.13 5.13
CA ILE A 10 -11.90 25.68 5.15
C ILE A 10 -11.54 24.99 3.83
N ARG A 11 -12.44 24.13 3.34
CA ARG A 11 -12.24 23.38 2.07
C ARG A 11 -12.19 24.38 0.90
N GLN A 12 -12.98 25.45 0.92
CA GLN A 12 -12.93 26.47 -0.12
C GLN A 12 -11.64 27.35 -0.09
N THR A 13 -11.03 27.51 1.08
CA THR A 13 -10.04 28.51 1.35
C THR A 13 -8.64 27.94 1.37
N SER A 14 -8.49 26.78 2.03
CA SER A 14 -7.24 26.09 2.18
C SER A 14 -6.59 25.76 0.86
N ARG A 15 -5.28 26.02 0.77
CA ARG A 15 -4.44 25.57 -0.37
C ARG A 15 -3.41 24.55 0.12
N PRO A 16 -3.70 23.23 0.07
CA PRO A 16 -2.81 22.22 0.67
C PRO A 16 -1.40 22.22 0.08
N ASP A 17 -1.22 22.72 -1.16
CA ASP A 17 0.08 22.71 -1.80
C ASP A 17 0.82 24.00 -1.70
N VAL A 18 0.28 24.96 -0.96
CA VAL A 18 0.85 26.31 -0.86
C VAL A 18 1.13 26.68 0.58
N ILE A 19 2.41 26.90 0.87
CA ILE A 19 2.82 27.30 2.21
C ILE A 19 2.06 28.57 2.61
N PRO A 20 1.38 28.58 3.78
CA PRO A 20 0.62 29.75 4.18
C PRO A 20 1.46 30.84 4.85
N THR A 21 2.45 31.38 4.14
CA THR A 21 3.23 32.49 4.68
C THR A 21 2.34 33.71 4.71
N GLN A 22 2.55 34.55 5.74
CA GLN A 22 1.89 35.84 5.88
C GLN A 22 2.94 36.95 5.72
N ARG A 23 2.77 37.79 4.69
CA ARG A 23 3.63 38.97 4.33
C ARG A 23 5.11 38.55 4.22
N ASP A 24 5.40 37.40 3.61
CA ASP A 24 6.79 36.91 3.42
C ASP A 24 7.60 36.64 4.71
N ARG A 25 6.90 36.56 5.86
CA ARG A 25 7.43 35.95 7.10
C ARG A 25 7.37 34.43 6.91
N PRO A 26 8.28 33.65 7.52
CA PRO A 26 8.17 32.20 7.47
C PRO A 26 6.90 31.73 8.17
N VAL A 27 6.46 30.51 7.88
CA VAL A 27 5.51 29.80 8.70
C VAL A 27 6.31 29.22 9.84
N ALA A 28 5.99 29.65 11.06
CA ALA A 28 6.65 29.17 12.27
C ALA A 28 5.99 27.83 12.61
N VAL A 29 6.77 26.75 12.53
CA VAL A 29 6.34 25.43 12.88
C VAL A 29 7.03 24.98 14.16
N SER A 30 6.23 24.49 15.11
CA SER A 30 6.76 23.95 16.35
C SER A 30 6.66 22.43 16.19
N VAL A 31 7.67 21.73 16.66
CA VAL A 31 7.67 20.30 16.60
C VAL A 31 8.28 19.78 17.88
N SER A 32 7.64 18.75 18.44
CA SER A 32 8.03 18.13 19.66
C SER A 32 7.66 16.65 19.60
N LEU A 33 8.67 15.78 19.75
CA LEU A 33 8.47 14.34 19.75
C LEU A 33 8.19 13.91 21.16
N LYS A 34 7.06 13.20 21.38
CA LYS A 34 6.79 12.58 22.67
C LYS A 34 6.94 11.08 22.49
N PHE A 35 7.96 10.52 23.12
CA PHE A 35 8.30 9.13 22.93
C PHE A 35 7.37 8.24 23.74
N ILE A 36 6.80 7.24 23.05
CA ILE A 36 5.82 6.35 23.64
C ILE A 36 6.41 4.98 23.87
N ASN A 37 7.22 4.52 22.94
CA ASN A 37 7.86 3.24 23.07
C ASN A 37 9.10 3.12 22.22
N ILE A 38 10.01 2.24 22.67
CA ILE A 38 11.16 1.82 21.90
C ILE A 38 10.98 0.33 21.76
N LEU A 39 10.78 -0.14 20.53
CA LEU A 39 10.26 -1.45 20.24
C LEU A 39 11.34 -2.44 19.93
N GLU A 40 12.31 -2.02 19.15
CA GLU A 40 13.37 -2.91 18.74
C GLU A 40 14.63 -2.08 18.65
N VAL A 41 15.71 -2.69 19.08
CA VAL A 41 16.99 -2.04 19.13
C VAL A 41 17.95 -3.07 18.61
N ASN A 42 18.89 -2.66 17.76
CA ASN A 42 19.94 -3.54 17.29
C ASN A 42 21.29 -2.86 17.47
N GLU A 43 22.10 -3.37 18.39
CA GLU A 43 23.37 -2.75 18.72
C GLU A 43 24.43 -3.07 17.66
N ILE A 44 24.24 -4.18 16.93
CA ILE A 44 25.14 -4.55 15.83
C ILE A 44 24.93 -3.61 14.60
N THR A 45 23.67 -3.42 14.18
CA THR A 45 23.35 -2.62 12.99
C THR A 45 23.11 -1.14 13.27
N ASN A 46 23.17 -0.74 14.55
CA ASN A 46 22.81 0.61 14.99
C ASN A 46 21.46 1.12 14.45
N GLU A 47 20.42 0.32 14.64
CA GLU A 47 19.07 0.70 14.26
C GLU A 47 18.12 0.59 15.45
N VAL A 48 17.19 1.54 15.52
CA VAL A 48 16.17 1.56 16.55
C VAL A 48 14.84 1.75 15.85
N ASP A 49 13.81 1.15 16.44
CA ASP A 49 12.43 1.26 16.01
C ASP A 49 11.66 1.87 17.15
N VAL A 50 11.07 3.03 16.92
CA VAL A 50 10.50 3.89 17.96
C VAL A 50 9.07 4.29 17.59
N VAL A 51 8.24 4.50 18.62
CA VAL A 51 6.91 5.04 18.46
C VAL A 51 6.86 6.32 19.24
N PHE A 52 6.39 7.38 18.57
CA PHE A 52 6.33 8.71 19.18
C PHE A 52 5.15 9.49 18.64
N TRP A 53 4.63 10.39 19.47
CA TRP A 53 3.64 11.35 19.03
C TRP A 53 4.40 12.58 18.53
N GLN A 54 4.15 12.97 17.28
CA GLN A 54 4.83 14.08 16.68
C GLN A 54 3.95 15.33 16.77
N GLN A 55 4.05 16.02 17.90
CA GLN A 55 3.25 17.19 18.09
C GLN A 55 3.79 18.32 17.18
N THR A 56 2.96 18.78 16.26
CA THR A 56 3.32 19.74 15.24
C THR A 56 2.27 20.84 15.23
N THR A 57 2.73 22.10 15.33
CA THR A 57 1.79 23.22 15.29
C THR A 57 2.30 24.32 14.40
N TRP A 58 1.37 25.05 13.79
CA TRP A 58 1.66 26.17 12.95
C TRP A 58 0.35 26.93 12.75
N SER A 59 0.39 28.01 11.97
CA SER A 59 -0.71 28.90 11.75
C SER A 59 -0.96 29.02 10.28
N ASP A 60 -2.23 28.96 9.87
CA ASP A 60 -2.67 29.32 8.54
C ASP A 60 -3.79 30.32 8.70
N ARG A 61 -3.44 31.61 8.62
CA ARG A 61 -4.36 32.74 8.94
C ARG A 61 -5.54 32.74 7.96
N THR A 62 -5.38 32.17 6.76
CA THR A 62 -6.49 32.11 5.82
C THR A 62 -7.64 31.18 6.30
N LEU A 63 -7.38 30.30 7.26
CA LEU A 63 -8.40 29.40 7.78
C LEU A 63 -9.27 30.05 8.83
N ALA A 64 -8.83 31.22 9.33
CA ALA A 64 -9.52 31.86 10.45
C ALA A 64 -10.99 32.14 10.16
N TRP A 65 -11.80 32.14 11.21
CA TRP A 65 -13.21 32.47 11.12
C TRP A 65 -13.59 33.17 12.40
N ASN A 66 -14.72 33.87 12.36
CA ASN A 66 -15.24 34.54 13.53
C ASN A 66 -15.96 33.53 14.41
N SER A 67 -15.49 33.40 15.66
CA SER A 67 -15.97 32.36 16.54
C SER A 67 -16.88 32.81 17.71
N SER A 68 -17.33 34.07 17.70
CA SER A 68 -18.46 34.46 18.58
C SER A 68 -19.63 33.73 17.95
N HIS A 69 -20.48 33.15 18.79
CA HIS A 69 -21.65 32.39 18.34
C HIS A 69 -21.31 31.27 17.34
N SER A 70 -20.07 30.77 17.38
CA SER A 70 -19.67 29.59 16.60
C SER A 70 -18.69 28.75 17.39
N PRO A 71 -18.51 27.47 17.03
CA PRO A 71 -17.42 26.67 17.58
C PRO A 71 -16.06 27.35 17.33
N ASP A 72 -15.15 27.33 18.32
CA ASP A 72 -13.84 27.95 18.11
C ASP A 72 -12.75 27.00 17.69
N GLN A 73 -13.10 25.72 17.53
CA GLN A 73 -12.21 24.72 16.94
C GLN A 73 -13.01 23.69 16.19
N VAL A 74 -12.36 23.04 15.23
CA VAL A 74 -12.88 21.84 14.59
C VAL A 74 -11.73 20.90 14.27
N SER A 75 -12.07 19.64 14.04
CA SER A 75 -11.15 18.62 13.63
C SER A 75 -11.28 18.56 12.12
N VAL A 76 -10.14 18.51 11.42
CA VAL A 76 -10.08 18.59 9.99
C VAL A 76 -9.10 17.55 9.46
N PRO A 77 -9.46 16.79 8.41
CA PRO A 77 -8.52 15.82 7.84
C PRO A 77 -7.31 16.57 7.28
N ILE A 78 -6.10 16.09 7.53
CA ILE A 78 -4.92 16.80 7.04
C ILE A 78 -4.77 16.88 5.56
N SER A 79 -5.46 15.99 4.83
CA SER A 79 -5.44 16.03 3.40
C SER A 79 -6.12 17.32 2.87
N SER A 80 -6.94 17.99 3.69
CA SER A 80 -7.52 19.26 3.32
C SER A 80 -6.65 20.48 3.67
N LEU A 81 -5.51 20.25 4.35
CA LEU A 81 -4.63 21.34 4.83
C LEU A 81 -3.24 21.26 4.27
N TRP A 82 -2.56 22.40 4.21
CA TRP A 82 -1.11 22.39 4.03
C TRP A 82 -0.54 21.82 5.31
N VAL A 83 0.45 20.94 5.18
CA VAL A 83 1.23 20.45 6.31
C VAL A 83 2.70 20.67 5.95
N PRO A 84 3.57 20.99 6.94
CA PRO A 84 4.99 21.17 6.66
C PRO A 84 5.66 19.89 6.16
N ASP A 85 6.63 20.03 5.24
CA ASP A 85 7.33 18.89 4.66
C ASP A 85 8.46 18.42 5.57
N LEU A 86 8.13 18.12 6.83
CA LEU A 86 9.13 17.66 7.77
C LEU A 86 9.53 16.22 7.51
N ALA A 87 10.82 15.92 7.70
CA ALA A 87 11.36 14.61 7.54
C ALA A 87 12.45 14.46 8.61
N ALA A 88 12.63 13.22 9.04
CA ALA A 88 13.78 12.88 9.86
C ALA A 88 14.90 12.46 8.94
N TYR A 89 16.02 13.18 8.95
CA TYR A 89 17.13 13.01 7.98
C TYR A 89 17.84 11.67 8.18
N ASN A 90 17.78 11.10 9.39
CA ASN A 90 18.41 9.81 9.65
C ASN A 90 17.41 8.64 9.77
N ALA A 91 16.20 8.84 9.25
CA ALA A 91 15.22 7.75 9.13
C ALA A 91 15.63 6.81 8.03
N ILE A 92 15.43 5.53 8.30
CA ILE A 92 15.67 4.47 7.35
C ILE A 92 14.37 3.72 7.02
N SER A 93 13.23 4.27 7.45
CA SER A 93 11.93 3.76 7.02
C SER A 93 10.98 4.93 6.87
N LYS A 94 9.92 4.73 6.10
CA LYS A 94 8.80 5.67 5.97
C LYS A 94 8.21 5.80 7.36
N PRO A 95 7.72 6.99 7.74
CA PRO A 95 6.95 7.12 8.98
C PRO A 95 5.60 6.38 8.82
N GLU A 96 5.32 5.34 9.62
CA GLU A 96 4.05 4.64 9.60
C GLU A 96 3.14 5.42 10.58
N VAL A 97 2.13 6.12 10.04
CA VAL A 97 1.16 6.85 10.88
C VAL A 97 0.13 5.86 11.41
N LEU A 98 0.02 5.73 12.73
CA LEU A 98 -0.84 4.71 13.37
C LEU A 98 -2.26 5.17 13.65
N THR A 99 -2.49 6.48 13.58
CA THR A 99 -3.69 7.10 14.11
C THR A 99 -4.52 7.77 13.01
N PRO A 100 -5.78 8.15 13.28
CA PRO A 100 -6.58 8.94 12.35
C PRO A 100 -5.91 10.27 11.99
N GLN A 101 -5.89 10.58 10.69
CA GLN A 101 -5.10 11.71 10.20
C GLN A 101 -5.92 13.00 10.21
N LEU A 102 -6.25 13.42 11.43
CA LEU A 102 -7.05 14.59 11.68
C LEU A 102 -6.18 15.57 12.49
N ALA A 103 -6.19 16.83 12.04
CA ALA A 103 -5.69 17.92 12.82
C ALA A 103 -6.84 18.66 13.49
N ARG A 104 -6.46 19.46 14.46
CA ARG A 104 -7.34 20.43 15.16
C ARG A 104 -7.03 21.81 14.61
N VAL A 105 -8.06 22.53 14.16
CA VAL A 105 -7.92 23.86 13.67
C VAL A 105 -8.69 24.79 14.58
N VAL A 106 -7.99 25.80 15.11
CA VAL A 106 -8.57 26.82 15.95
C VAL A 106 -9.00 27.99 15.09
N SER A 107 -10.04 28.71 15.53
CA SER A 107 -10.65 29.79 14.77
C SER A 107 -9.72 30.95 14.41
N ASP A 108 -8.63 31.09 15.13
CA ASP A 108 -7.58 32.07 14.77
C ASP A 108 -6.62 31.53 13.70
N GLY A 109 -6.85 30.30 13.26
CA GLY A 109 -6.07 29.72 12.19
C GLY A 109 -4.93 28.84 12.65
N GLU A 110 -4.81 28.62 13.95
CA GLU A 110 -3.79 27.71 14.43
C GLU A 110 -4.18 26.25 14.08
N VAL A 111 -3.19 25.48 13.65
CA VAL A 111 -3.36 24.08 13.31
C VAL A 111 -2.48 23.24 14.23
N LEU A 112 -3.08 22.23 14.84
CA LEU A 112 -2.37 21.30 15.73
C LEU A 112 -2.63 19.90 15.25
N TYR A 113 -1.54 19.20 14.90
CA TYR A 113 -1.54 17.82 14.36
C TYR A 113 -0.55 17.01 15.18
N MET A 114 -1.02 15.92 15.77
CA MET A 114 -0.22 15.09 16.60
C MET A 114 -0.46 13.63 16.28
N PRO A 115 0.12 13.16 15.15
CA PRO A 115 0.02 11.76 14.77
C PRO A 115 0.92 10.89 15.65
N SER A 116 0.48 9.65 15.92
CA SER A 116 1.38 8.66 16.46
C SER A 116 2.08 8.01 15.28
N ILE A 117 3.42 7.98 15.36
CA ILE A 117 4.24 7.53 14.27
C ILE A 117 5.17 6.46 14.76
N ARG A 118 5.27 5.39 13.99
CA ARG A 118 6.31 4.36 14.15
C ARG A 118 7.34 4.53 13.02
N GLN A 119 8.62 4.55 13.35
CA GLN A 119 9.66 4.76 12.37
C GLN A 119 10.96 4.19 12.88
N ARG A 120 11.81 3.76 11.93
CA ARG A 120 13.16 3.22 12.24
C ARG A 120 14.22 4.29 11.94
N PHE A 121 15.27 4.34 12.75
CA PHE A 121 16.36 5.27 12.64
C PHE A 121 17.68 4.55 12.74
N SER A 122 18.66 5.13 12.07
CA SER A 122 20.05 4.78 12.17
C SER A 122 20.53 5.72 13.25
N CYS A 123 21.06 5.13 14.32
CA CYS A 123 21.34 5.83 15.59
C CYS A 123 22.50 5.18 16.28
N ASP A 124 23.21 5.96 17.12
CA ASP A 124 24.17 5.38 18.06
C ASP A 124 23.41 4.56 19.11
N VAL A 125 23.61 3.24 19.07
CA VAL A 125 22.93 2.32 19.96
C VAL A 125 23.90 1.73 20.97
N SER A 126 25.18 2.08 20.86
CA SER A 126 26.19 1.51 21.73
C SER A 126 25.87 1.96 23.16
N GLY A 127 26.11 1.06 24.12
CA GLY A 127 25.85 1.27 25.51
C GLY A 127 24.43 1.08 25.99
N VAL A 128 23.56 0.57 25.13
CA VAL A 128 22.14 0.40 25.47
C VAL A 128 21.93 -0.53 26.67
N ASP A 129 22.83 -1.51 26.86
CA ASP A 129 22.73 -2.43 28.00
C ASP A 129 23.58 -2.03 29.18
N THR A 130 24.07 -0.79 29.19
CA THR A 130 24.83 -0.26 30.32
C THR A 130 23.98 0.73 31.10
N GLU A 131 24.51 1.18 32.25
CA GLU A 131 23.84 2.14 33.11
C GLU A 131 23.73 3.55 32.50
N SER A 132 24.77 3.99 31.78
CA SER A 132 24.77 5.30 31.10
C SER A 132 23.84 5.31 29.92
N GLY A 133 23.70 4.15 29.29
CA GLY A 133 22.72 3.95 28.23
C GLY A 133 23.24 4.35 26.87
N ALA A 134 22.39 4.20 25.85
CA ALA A 134 22.67 4.67 24.52
C ALA A 134 22.03 6.04 24.37
N THR A 135 22.55 6.84 23.42
CA THR A 135 21.98 8.13 23.05
C THR A 135 21.72 8.18 21.55
N CYS A 136 20.45 8.03 21.17
CA CYS A 136 20.01 8.02 19.80
C CYS A 136 19.48 9.41 19.39
N ARG A 137 20.08 10.02 18.39
CA ARG A 137 19.76 11.41 17.91
C ARG A 137 18.88 11.34 16.67
N ILE A 138 17.76 12.07 16.65
CA ILE A 138 16.90 12.15 15.48
C ILE A 138 16.81 13.61 15.07
N LYS A 139 17.19 13.87 13.83
CA LYS A 139 17.29 15.19 13.26
C LYS A 139 16.08 15.37 12.36
N ILE A 140 15.25 16.38 12.65
CA ILE A 140 14.08 16.71 11.90
C ILE A 140 14.17 18.12 11.32
N GLY A 141 13.78 18.22 10.05
CA GLY A 141 13.66 19.50 9.34
C GLY A 141 12.79 19.41 8.11
N SER A 142 12.62 20.56 7.47
CA SER A 142 11.94 20.71 6.20
C SER A 142 12.81 20.08 5.15
N TRP A 143 12.19 19.28 4.28
CA TRP A 143 12.89 18.62 3.19
C TRP A 143 13.33 19.58 2.06
N THR A 144 12.52 20.62 1.84
CA THR A 144 12.75 21.55 0.68
C THR A 144 12.79 23.06 0.98
N HIS A 145 12.39 23.46 2.20
CA HIS A 145 12.26 24.85 2.55
C HIS A 145 13.33 25.36 3.44
N HIS A 146 13.82 26.56 3.10
CA HIS A 146 14.69 27.29 3.98
C HIS A 146 13.91 28.09 5.04
N SER A 147 14.65 28.70 5.97
CA SER A 147 14.12 29.31 7.19
C SER A 147 13.29 30.58 6.98
N ARG A 148 13.36 31.22 5.81
CA ARG A 148 12.48 32.38 5.50
C ARG A 148 11.14 31.88 4.94
N GLU A 149 10.98 30.59 4.67
CA GLU A 149 9.70 30.01 4.28
C GLU A 149 9.09 29.19 5.40
N ILE A 150 9.91 28.33 6.02
CA ILE A 150 9.49 27.59 7.21
C ILE A 150 10.55 27.65 8.28
N SER A 151 10.17 28.04 9.50
CA SER A 151 11.07 27.94 10.67
C SER A 151 10.57 26.78 11.49
N VAL A 152 11.50 25.95 11.98
CA VAL A 152 11.18 24.79 12.75
C VAL A 152 11.78 24.98 14.11
N ASP A 153 10.96 24.90 15.16
CA ASP A 153 11.41 25.13 16.53
C ASP A 153 10.90 24.04 17.47
N PRO A 154 11.64 23.70 18.52
CA PRO A 154 11.10 22.90 19.63
C PRO A 154 10.05 23.71 20.42
N THR A 155 9.57 23.23 21.56
CA THR A 155 8.27 23.63 22.04
C THR A 155 8.10 24.23 23.44
N THR A 156 9.13 24.87 23.97
CA THR A 156 9.05 25.55 25.27
C THR A 156 8.59 24.58 26.38
N GLU A 157 9.38 23.52 26.57
CA GLU A 157 9.17 22.53 27.62
C GLU A 157 10.45 21.76 27.96
N ASP A 161 8.96 13.37 27.96
CA ASP A 161 9.50 12.23 28.72
C ASP A 161 8.61 11.70 29.92
N SER A 162 8.13 10.47 29.75
CA SER A 162 7.73 9.64 30.88
C SER A 162 6.53 10.22 31.65
N GLU A 163 5.72 11.05 31.01
CA GLU A 163 4.29 11.14 31.27
C GLU A 163 3.68 10.38 30.07
N TYR A 164 4.50 10.04 29.08
CA TYR A 164 4.10 9.49 27.76
C TYR A 164 4.59 8.06 27.58
N PHE A 165 5.78 7.75 28.06
CA PHE A 165 6.50 6.54 27.71
C PHE A 165 5.89 5.31 28.37
N SER A 166 5.71 4.24 27.59
CA SER A 166 5.06 3.04 28.06
C SER A 166 5.87 2.46 29.21
N GLN A 167 5.19 2.20 30.33
CA GLN A 167 5.80 1.51 31.43
C GLN A 167 6.13 0.06 31.07
N TYR A 168 5.64 -0.43 29.94
CA TYR A 168 5.76 -1.87 29.59
C TYR A 168 6.92 -2.10 28.63
N SER A 169 7.51 -1.05 28.05
CA SER A 169 8.71 -1.18 27.24
C SER A 169 9.81 -1.84 28.02
N ARG A 170 10.69 -2.56 27.33
CA ARG A 170 11.84 -3.21 28.00
C ARG A 170 12.92 -2.15 28.18
N PHE A 171 12.74 -0.96 27.59
CA PHE A 171 13.64 0.15 27.77
C PHE A 171 13.04 1.19 28.69
N GLU A 172 13.94 2.00 29.29
CA GLU A 172 13.56 3.18 30.03
C GLU A 172 14.32 4.39 29.49
N ILE A 173 13.66 5.54 29.55
CA ILE A 173 14.23 6.79 29.09
C ILE A 173 14.94 7.47 30.25
N LEU A 174 16.22 7.77 30.06
CA LEU A 174 17.03 8.47 31.04
C LEU A 174 16.90 9.99 30.86
N ASP A 175 16.87 10.45 29.61
CA ASP A 175 16.97 11.87 29.33
C ASP A 175 16.68 12.16 27.87
N VAL A 176 16.06 13.33 27.63
CA VAL A 176 15.74 13.83 26.31
C VAL A 176 16.28 15.25 26.25
N THR A 177 17.10 15.52 25.23
CA THR A 177 17.62 16.83 24.96
C THR A 177 17.18 17.23 23.56
N GLN A 178 16.84 18.51 23.39
CA GLN A 178 16.39 19.10 22.15
C GLN A 178 17.27 20.30 21.78
N LYS A 179 17.82 20.29 20.55
CA LYS A 179 18.77 21.30 20.09
C LYS A 179 18.24 21.82 18.74
N LYS A 180 17.89 23.11 18.64
CA LYS A 180 17.63 23.72 17.35
C LYS A 180 18.96 24.17 16.80
N ASN A 181 19.22 23.91 15.51
CA ASN A 181 20.37 24.41 14.76
C ASN A 181 19.90 25.26 13.61
N SER A 182 20.53 26.42 13.41
CA SER A 182 20.27 27.27 12.25
C SER A 182 21.61 27.62 11.69
N VAL A 183 21.83 27.36 10.41
CA VAL A 183 23.11 27.61 9.82
C VAL A 183 22.95 28.51 8.62
N THR A 184 23.82 29.51 8.50
CA THR A 184 23.88 30.34 7.32
C THR A 184 25.28 30.16 6.76
N TYR A 185 25.35 29.75 5.49
CA TYR A 185 26.61 29.49 4.76
C TYR A 185 26.96 30.73 3.93
N SER A 186 28.25 30.96 3.68
CA SER A 186 28.63 32.10 2.84
C SER A 186 28.10 31.96 1.43
N CYS A 187 28.03 30.72 0.90
CA CYS A 187 27.51 30.47 -0.45
C CYS A 187 26.10 30.96 -0.74
N CYS A 188 25.24 30.92 0.29
CA CYS A 188 23.81 30.82 0.12
C CYS A 188 23.11 31.82 1.05
N PRO A 189 22.14 32.61 0.54
CA PRO A 189 21.63 33.77 1.30
C PRO A 189 20.79 33.39 2.54
N GLU A 190 19.95 32.36 2.44
CA GLU A 190 19.04 32.00 3.54
C GLU A 190 19.73 31.12 4.59
N ALA A 191 19.04 30.89 5.70
CA ALA A 191 19.48 29.99 6.79
C ALA A 191 18.76 28.64 6.72
N TYR A 192 19.42 27.56 7.16
CA TYR A 192 18.90 26.17 7.14
C TYR A 192 18.82 25.59 8.55
N GLU A 193 17.64 25.04 8.92
CA GLU A 193 17.30 24.71 10.28
C GLU A 193 17.09 23.24 10.43
N ASP A 194 17.33 22.72 11.63
CA ASP A 194 16.74 21.46 12.07
C ASP A 194 16.66 21.39 13.57
N VAL A 195 15.86 20.44 14.07
CA VAL A 195 15.77 20.16 15.46
C VAL A 195 16.35 18.79 15.67
N GLU A 196 17.37 18.69 16.52
CA GLU A 196 17.98 17.43 16.88
C GLU A 196 17.42 17.00 18.25
N VAL A 197 16.74 15.86 18.27
CA VAL A 197 16.21 15.28 19.51
C VAL A 197 17.11 14.13 19.94
N SER A 198 17.70 14.23 21.14
CA SER A 198 18.61 13.21 21.65
C SER A 198 17.92 12.43 22.75
N LEU A 199 17.74 11.13 22.49
CA LEU A 199 17.01 10.23 23.31
C LEU A 199 18.04 9.32 23.95
N ASN A 200 18.25 9.53 25.25
CA ASN A 200 19.15 8.74 26.07
C ASN A 200 18.29 7.71 26.81
N PHE A 201 18.56 6.42 26.54
CA PHE A 201 17.71 5.33 27.02
C PHE A 201 18.55 4.09 27.26
N ARG A 202 18.02 3.13 28.02
CA ARG A 202 18.72 1.86 28.29
C ARG A 202 17.73 0.71 28.53
N LYS A 203 18.21 -0.54 28.41
CA LYS A 203 17.46 -1.72 28.77
C LYS A 203 17.27 -1.67 30.25
N LYS A 204 16.06 -1.95 30.73
CA LYS A 204 15.78 -2.02 32.15
C LYS A 204 16.50 -3.21 32.76
N GLY A 205 16.89 -3.09 34.03
CA GLY A 205 17.22 -4.24 34.86
C GLY A 205 16.00 -5.15 34.95
N LEU B 1 3.10 38.21 -8.52
CA LEU B 1 2.80 36.76 -8.44
C LEU B 1 3.21 36.25 -7.07
N ASP B 2 2.26 35.63 -6.37
CA ASP B 2 2.53 34.94 -5.12
C ASP B 2 2.69 33.44 -5.42
N ARG B 3 2.96 32.65 -4.40
CA ARG B 3 3.23 31.20 -4.56
C ARG B 3 1.98 30.49 -5.10
N ALA B 4 0.78 30.93 -4.69
CA ALA B 4 -0.44 30.31 -5.19
C ALA B 4 -0.56 30.48 -6.72
N ASP B 5 -0.27 31.70 -7.21
CA ASP B 5 -0.28 32.00 -8.64
C ASP B 5 0.70 31.11 -9.39
N ILE B 6 1.92 31.00 -8.87
CA ILE B 6 2.96 30.23 -9.53
C ILE B 6 2.54 28.79 -9.64
N LEU B 7 2.01 28.23 -8.55
CA LEU B 7 1.58 26.83 -8.53
C LEU B 7 0.41 26.62 -9.52
N TYR B 8 -0.52 27.56 -9.54
CA TYR B 8 -1.65 27.53 -10.50
C TYR B 8 -1.11 27.54 -11.94
N ASN B 9 -0.18 28.44 -12.24
CA ASN B 9 0.41 28.51 -13.57
C ASN B 9 1.16 27.25 -13.95
N ILE B 10 1.86 26.65 -12.98
CA ILE B 10 2.57 25.39 -13.23
C ILE B 10 1.57 24.28 -13.56
N ARG B 11 0.46 24.21 -12.82
CA ARG B 11 -0.59 23.18 -13.03
C ARG B 11 -1.24 23.39 -14.41
N GLN B 12 -1.43 24.63 -14.85
CA GLN B 12 -1.91 24.94 -16.19
C GLN B 12 -0.98 24.57 -17.34
N THR B 13 0.32 24.58 -17.10
CA THR B 13 1.33 24.50 -18.14
C THR B 13 1.94 23.12 -18.20
N SER B 14 2.34 22.60 -17.05
CA SER B 14 2.96 21.30 -16.90
C SER B 14 1.98 20.23 -17.32
N ARG B 15 2.48 19.30 -18.13
CA ARG B 15 1.83 18.00 -18.43
C ARG B 15 2.73 16.94 -17.84
N PRO B 16 2.36 16.35 -16.68
CA PRO B 16 3.16 15.29 -16.04
C PRO B 16 3.49 14.10 -16.97
N ASP B 17 2.66 13.86 -17.99
CA ASP B 17 2.83 12.72 -18.87
C ASP B 17 3.47 13.07 -20.19
N VAL B 18 3.97 14.30 -20.31
CA VAL B 18 4.60 14.77 -21.54
C VAL B 18 6.02 15.27 -21.25
N ILE B 19 6.99 14.57 -21.81
CA ILE B 19 8.37 14.92 -21.70
C ILE B 19 8.55 16.36 -22.22
N PRO B 20 9.16 17.27 -21.44
CA PRO B 20 9.26 18.67 -21.89
C PRO B 20 10.45 18.92 -22.81
N THR B 21 10.54 18.21 -23.94
CA THR B 21 11.59 18.48 -24.92
C THR B 21 11.27 19.79 -25.57
N GLN B 22 12.32 20.56 -25.90
CA GLN B 22 12.21 21.83 -26.59
C GLN B 22 12.89 21.70 -27.94
N ARG B 23 12.13 21.86 -29.03
CA ARG B 23 12.54 21.77 -30.47
C ARG B 23 13.27 20.45 -30.74
N ASP B 24 12.76 19.33 -30.19
CA ASP B 24 13.35 17.98 -30.40
C ASP B 24 14.82 17.81 -29.91
N ARG B 25 15.28 18.71 -29.04
CA ARG B 25 16.49 18.50 -28.20
C ARG B 25 16.09 17.57 -27.06
N PRO B 26 17.00 16.72 -26.55
CA PRO B 26 16.68 15.92 -25.38
C PRO B 26 16.46 16.80 -24.15
N VAL B 27 15.75 16.29 -23.14
CA VAL B 27 15.73 16.87 -21.82
C VAL B 27 16.99 16.41 -21.13
N ALA B 28 17.85 17.34 -20.77
CA ALA B 28 19.09 17.05 -20.06
C ALA B 28 18.79 16.82 -18.59
N VAL B 29 19.00 15.61 -18.12
CA VAL B 29 18.79 15.24 -16.74
C VAL B 29 20.12 14.95 -16.07
N SER B 30 20.33 15.50 -14.88
CA SER B 30 21.53 15.23 -14.10
C SER B 30 21.05 14.33 -12.98
N VAL B 31 21.84 13.33 -12.64
CA VAL B 31 21.51 12.44 -11.58
C VAL B 31 22.79 12.12 -10.82
N SER B 32 22.68 12.14 -9.49
CA SER B 32 23.77 11.91 -8.61
C SER B 32 23.25 11.27 -7.32
N LEU B 33 23.79 10.09 -6.99
CA LEU B 33 23.37 9.39 -5.76
C LEU B 33 24.28 9.82 -4.65
N LYS B 34 23.70 10.29 -3.53
CA LYS B 34 24.45 10.59 -2.33
C LYS B 34 24.10 9.56 -1.28
N PHE B 35 25.07 8.72 -0.93
CA PHE B 35 24.82 7.62 -0.02
C PHE B 35 24.75 8.10 1.42
N ILE B 36 23.71 7.66 2.11
CA ILE B 36 23.45 8.00 3.49
C ILE B 36 23.71 6.85 4.41
N ASN B 37 23.37 5.65 3.97
CA ASN B 37 23.65 4.47 4.74
C ASN B 37 23.71 3.21 3.90
N ILE B 38 24.43 2.22 4.41
CA ILE B 38 24.43 0.86 3.91
C ILE B 38 23.97 0.06 5.10
N LEU B 39 22.79 -0.56 4.98
CA LEU B 39 22.07 -1.17 6.09
C LEU B 39 22.34 -2.63 6.24
N GLU B 40 22.37 -3.33 5.11
CA GLU B 40 22.56 -4.75 5.12
C GLU B 40 23.32 -5.13 3.86
N VAL B 41 24.22 -6.09 4.00
CA VAL B 41 25.06 -6.52 2.94
C VAL B 41 25.12 -8.03 3.09
N ASN B 42 25.05 -8.75 1.97
CA ASN B 42 25.20 -10.19 1.99
C ASN B 42 26.21 -10.63 0.95
N GLU B 43 27.35 -11.14 1.42
CA GLU B 43 28.44 -11.53 0.54
C GLU B 43 28.14 -12.85 -0.16
N ILE B 44 27.29 -13.70 0.46
CA ILE B 44 26.86 -14.96 -0.15
C ILE B 44 25.89 -14.70 -1.35
N THR B 45 24.85 -13.87 -1.14
CA THR B 45 23.82 -13.62 -2.17
C THR B 45 24.13 -12.43 -3.08
N ASN B 46 25.25 -11.74 -2.84
CA ASN B 46 25.60 -10.50 -3.52
C ASN B 46 24.46 -9.47 -3.57
N GLU B 47 23.90 -9.15 -2.40
CA GLU B 47 22.87 -8.14 -2.28
C GLU B 47 23.26 -7.06 -1.27
N VAL B 48 22.90 -5.81 -1.55
CA VAL B 48 23.04 -4.74 -0.59
C VAL B 48 21.72 -3.98 -0.46
N ASP B 49 21.49 -3.45 0.73
CA ASP B 49 20.34 -2.64 1.05
C ASP B 49 20.90 -1.27 1.48
N VAL B 50 20.55 -0.22 0.75
CA VAL B 50 21.15 1.09 0.90
C VAL B 50 20.12 2.19 0.97
N VAL B 51 20.50 3.29 1.63
CA VAL B 51 19.72 4.51 1.62
C VAL B 51 20.56 5.60 0.98
N PHE B 52 19.98 6.30 0.02
CA PHE B 52 20.65 7.38 -0.70
C PHE B 52 19.68 8.49 -1.05
N TRP B 53 20.22 9.71 -1.17
CA TRP B 53 19.51 10.82 -1.77
C TRP B 53 19.78 10.80 -3.26
N GLN B 54 18.71 10.79 -4.05
CA GLN B 54 18.84 10.75 -5.50
C GLN B 54 18.67 12.14 -6.07
N GLN B 55 19.74 12.89 -6.11
CA GLN B 55 19.66 14.25 -6.60
C GLN B 55 19.46 14.22 -8.11
N THR B 56 18.34 14.77 -8.56
CA THR B 56 17.92 14.73 -9.93
C THR B 56 17.52 16.14 -10.35
N THR B 57 18.07 16.62 -11.46
CA THR B 57 17.72 17.95 -11.94
C THR B 57 17.51 17.93 -13.44
N TRP B 58 16.63 18.82 -13.89
CA TRP B 58 16.36 19.00 -15.29
C TRP B 58 15.63 20.32 -15.42
N SER B 59 15.28 20.68 -16.65
CA SER B 59 14.71 21.96 -17.00
C SER B 59 13.41 21.70 -17.73
N ASP B 60 12.38 22.47 -17.38
CA ASP B 60 11.15 22.55 -18.15
C ASP B 60 10.88 24.03 -18.32
N ARG B 61 11.31 24.59 -19.46
CA ARG B 61 11.27 26.05 -19.74
C ARG B 61 9.82 26.56 -19.71
N THR B 62 8.83 25.70 -19.97
CA THR B 62 7.44 26.13 -19.94
C THR B 62 6.97 26.52 -18.52
N LEU B 63 7.68 26.07 -17.48
CA LEU B 63 7.33 26.40 -16.10
C LEU B 63 7.83 27.78 -15.67
N ALA B 64 8.74 28.36 -16.45
CA ALA B 64 9.38 29.62 -16.09
C ALA B 64 8.38 30.73 -15.85
N TRP B 65 8.74 31.67 -14.97
CA TRP B 65 7.95 32.85 -14.69
C TRP B 65 8.88 34.00 -14.43
N ASN B 66 8.34 35.21 -14.50
CA ASN B 66 9.09 36.40 -14.19
C ASN B 66 9.17 36.59 -12.68
N SER B 67 10.39 36.60 -12.14
CA SER B 67 10.60 36.59 -10.71
C SER B 67 11.08 37.90 -10.06
N SER B 68 11.10 39.02 -10.81
CA SER B 68 11.23 40.35 -10.18
C SER B 68 9.88 40.49 -9.46
N HIS B 69 9.92 41.00 -8.23
CA HIS B 69 8.72 41.17 -7.40
C HIS B 69 7.90 39.89 -7.23
N SER B 70 8.53 38.73 -7.37
CA SER B 70 7.92 37.44 -7.03
C SER B 70 8.93 36.51 -6.40
N PRO B 71 8.48 35.44 -5.71
CA PRO B 71 9.39 34.38 -5.29
C PRO B 71 10.13 33.77 -6.50
N ASP B 72 11.41 33.47 -6.37
CA ASP B 72 12.15 32.88 -7.50
C ASP B 72 12.26 31.38 -7.47
N GLN B 73 11.69 30.77 -6.42
CA GLN B 73 11.58 29.34 -6.32
C GLN B 73 10.36 29.00 -5.48
N VAL B 74 9.81 27.81 -5.75
CA VAL B 74 8.77 27.24 -4.95
C VAL B 74 8.96 25.74 -4.88
N SER B 75 8.35 25.16 -3.85
CA SER B 75 8.29 23.73 -3.64
C SER B 75 6.96 23.31 -4.25
N VAL B 76 6.99 22.21 -5.02
CA VAL B 76 5.87 21.77 -5.82
C VAL B 76 5.76 20.26 -5.70
N PRO B 77 4.56 19.71 -5.47
CA PRO B 77 4.41 18.26 -5.38
C PRO B 77 4.78 17.65 -6.74
N ILE B 78 5.56 16.56 -6.74
CA ILE B 78 5.95 15.97 -8.02
C ILE B 78 4.83 15.42 -8.87
N SER B 79 3.67 15.18 -8.26
CA SER B 79 2.51 14.74 -9.01
C SER B 79 1.99 15.82 -9.96
N SER B 80 2.38 17.07 -9.76
CA SER B 80 2.09 18.13 -10.73
C SER B 80 3.12 18.28 -11.87
N LEU B 81 4.22 17.53 -11.78
CA LEU B 81 5.35 17.65 -12.70
C LEU B 81 5.64 16.37 -13.47
N TRP B 82 6.16 16.53 -14.69
CA TRP B 82 6.84 15.48 -15.36
C TRP B 82 8.12 15.21 -14.56
N VAL B 83 8.42 13.92 -14.37
CA VAL B 83 9.68 13.48 -13.78
C VAL B 83 10.27 12.47 -14.75
N PRO B 84 11.60 12.39 -14.90
CA PRO B 84 12.20 11.39 -15.77
C PRO B 84 11.95 9.95 -15.29
N ASP B 85 11.76 9.01 -16.22
CA ASP B 85 11.50 7.60 -15.89
C ASP B 85 12.80 6.83 -15.58
N LEU B 86 13.56 7.33 -14.62
CA LEU B 86 14.82 6.70 -14.27
C LEU B 86 14.59 5.43 -13.43
N ALA B 87 15.43 4.43 -13.66
CA ALA B 87 15.43 3.20 -12.92
C ALA B 87 16.84 2.72 -12.81
N ALA B 88 17.12 2.02 -11.71
CA ALA B 88 18.35 1.25 -11.56
C ALA B 88 18.10 -0.15 -12.15
N TYR B 89 18.86 -0.50 -13.18
CA TYR B 89 18.69 -1.73 -13.98
C TYR B 89 18.97 -2.98 -13.15
N ASN B 90 19.78 -2.89 -12.09
CA ASN B 90 20.12 -4.01 -11.23
C ASN B 90 19.45 -3.94 -9.84
N ALA B 91 18.37 -3.16 -9.74
CA ALA B 91 17.56 -3.12 -8.52
C ALA B 91 16.73 -4.39 -8.42
N ILE B 92 16.60 -4.88 -7.18
CA ILE B 92 15.81 -6.08 -6.90
C ILE B 92 14.69 -5.77 -5.92
N SER B 93 14.49 -4.49 -5.60
CA SER B 93 13.31 -4.06 -4.85
C SER B 93 12.82 -2.74 -5.42
N LYS B 94 11.56 -2.41 -5.16
CA LYS B 94 10.98 -1.12 -5.52
C LYS B 94 11.78 -0.08 -4.75
N PRO B 95 12.00 1.11 -5.32
CA PRO B 95 12.57 2.22 -4.54
C PRO B 95 11.55 2.67 -3.49
N GLU B 96 11.84 2.58 -2.18
CA GLU B 96 10.95 3.06 -1.14
C GLU B 96 11.37 4.53 -0.91
N VAL B 97 10.50 5.48 -1.31
CA VAL B 97 10.74 6.91 -1.08
C VAL B 97 10.39 7.26 0.36
N LEU B 98 11.37 7.73 1.14
CA LEU B 98 11.19 7.98 2.59
C LEU B 98 10.73 9.39 2.94
N THR B 99 10.80 10.31 1.97
CA THR B 99 10.66 11.72 2.21
C THR B 99 9.43 12.32 1.54
N PRO B 100 9.01 13.56 1.92
CA PRO B 100 7.94 14.26 1.22
C PRO B 100 8.26 14.46 -0.28
N GLN B 101 7.29 14.20 -1.13
CA GLN B 101 7.49 14.14 -2.55
C GLN B 101 7.24 15.52 -3.16
N LEU B 102 8.15 16.43 -2.82
CA LEU B 102 8.14 17.78 -3.26
C LEU B 102 9.45 18.03 -4.00
N ALA B 103 9.33 18.65 -5.17
CA ALA B 103 10.45 19.17 -5.89
C ALA B 103 10.51 20.67 -5.69
N ARG B 104 11.70 21.21 -5.99
CA ARG B 104 11.97 22.65 -6.01
C ARG B 104 11.99 23.11 -7.46
N VAL B 105 11.19 24.12 -7.79
CA VAL B 105 11.14 24.65 -9.11
C VAL B 105 11.64 26.10 -9.04
N VAL B 106 12.65 26.40 -9.86
CA VAL B 106 13.23 27.71 -9.96
C VAL B 106 12.53 28.44 -11.10
N SER B 107 12.46 29.78 -10.98
CA SER B 107 11.74 30.63 -11.92
C SER B 107 12.22 30.57 -13.36
N ASP B 108 13.45 30.10 -13.58
CA ASP B 108 13.93 29.85 -14.94
C ASP B 108 13.51 28.48 -15.48
N GLY B 109 12.78 27.72 -14.68
CA GLY B 109 12.23 26.45 -15.11
C GLY B 109 13.06 25.25 -14.74
N GLU B 110 14.11 25.46 -13.96
CA GLU B 110 14.86 24.33 -13.45
C GLU B 110 14.03 23.62 -12.35
N VAL B 111 14.07 22.28 -12.39
CA VAL B 111 13.43 21.45 -11.40
C VAL B 111 14.49 20.62 -10.68
N LEU B 112 14.44 20.61 -9.35
CA LEU B 112 15.34 19.84 -8.53
C LEU B 112 14.50 18.98 -7.59
N TYR B 113 14.70 17.66 -7.71
CA TYR B 113 14.01 16.64 -6.91
C TYR B 113 15.07 15.73 -6.31
N MET B 114 15.07 15.65 -4.97
CA MET B 114 16.05 14.88 -4.27
C MET B 114 15.36 14.06 -3.19
N PRO B 115 14.72 12.94 -3.59
CA PRO B 115 14.09 12.03 -2.64
C PRO B 115 15.15 11.21 -1.91
N SER B 116 14.91 10.89 -0.65
CA SER B 116 15.68 9.89 0.05
C SER B 116 15.01 8.54 -0.26
N ILE B 117 15.81 7.61 -0.74
CA ILE B 117 15.33 6.34 -1.23
C ILE B 117 16.06 5.22 -0.56
N ARG B 118 15.30 4.22 -0.12
CA ARG B 118 15.85 2.93 0.33
C ARG B 118 15.56 1.87 -0.75
N GLN B 119 16.57 1.08 -1.11
CA GLN B 119 16.45 0.14 -2.19
C GLN B 119 17.50 -0.93 -2.07
N ARG B 120 17.19 -2.13 -2.57
CA ARG B 120 18.12 -3.30 -2.59
C ARG B 120 18.65 -3.49 -4.01
N PHE B 121 19.93 -3.90 -4.12
CA PHE B 121 20.57 -4.12 -5.40
C PHE B 121 21.32 -5.45 -5.35
N SER B 122 21.44 -6.05 -6.54
CA SER B 122 22.25 -7.19 -6.80
C SER B 122 23.54 -6.57 -7.29
N CYS B 123 24.65 -6.86 -6.64
CA CYS B 123 25.97 -6.34 -7.09
C CYS B 123 27.13 -7.05 -6.43
N ASP B 124 28.34 -6.77 -6.94
CA ASP B 124 29.55 -7.41 -6.44
C ASP B 124 29.83 -6.96 -5.00
N VAL B 125 29.71 -7.92 -4.07
CA VAL B 125 29.90 -7.69 -2.66
C VAL B 125 31.19 -8.33 -2.16
N SER B 126 31.90 -9.04 -3.04
CA SER B 126 33.11 -9.73 -2.63
C SER B 126 34.15 -8.68 -2.18
N GLY B 127 34.92 -9.03 -1.15
CA GLY B 127 35.94 -8.19 -0.58
C GLY B 127 35.46 -7.15 0.43
N VAL B 128 34.18 -7.22 0.81
CA VAL B 128 33.59 -6.25 1.72
C VAL B 128 34.28 -6.22 3.09
N ASP B 129 34.81 -7.38 3.52
CA ASP B 129 35.54 -7.48 4.79
C ASP B 129 37.03 -7.34 4.66
N THR B 130 37.52 -6.86 3.51
CA THR B 130 38.94 -6.60 3.29
C THR B 130 39.19 -5.11 3.30
N GLU B 131 40.48 -4.73 3.24
CA GLU B 131 40.90 -3.33 3.23
C GLU B 131 40.53 -2.59 1.93
N SER B 132 40.65 -3.29 0.78
CA SER B 132 40.32 -2.73 -0.53
C SER B 132 38.81 -2.54 -0.66
N GLY B 133 38.06 -3.44 -0.01
CA GLY B 133 36.61 -3.32 0.09
C GLY B 133 35.92 -3.95 -1.09
N ALA B 134 34.59 -3.87 -1.09
CA ALA B 134 33.77 -4.28 -2.21
C ALA B 134 33.49 -3.06 -3.04
N THR B 135 33.21 -3.29 -4.33
CA THR B 135 32.78 -2.27 -5.26
C THR B 135 31.47 -2.69 -5.90
N CYS B 136 30.39 -2.05 -5.46
CA CYS B 136 29.02 -2.34 -5.88
C CYS B 136 28.61 -1.34 -6.95
N ARG B 137 28.29 -1.83 -8.16
CA ARG B 137 27.95 -0.99 -9.34
C ARG B 137 26.43 -0.91 -9.50
N ILE B 138 25.89 0.30 -9.61
CA ILE B 138 24.48 0.55 -9.83
C ILE B 138 24.38 1.33 -11.12
N LYS B 139 23.59 0.79 -12.06
CA LYS B 139 23.40 1.39 -13.38
C LYS B 139 22.04 2.04 -13.38
N ILE B 140 22.00 3.35 -13.64
CA ILE B 140 20.78 4.12 -13.71
C ILE B 140 20.59 4.74 -15.08
N GLY B 141 19.36 4.61 -15.60
CA GLY B 141 18.97 5.20 -16.86
C GLY B 141 17.46 5.32 -17.02
N SER B 142 17.06 5.89 -18.15
CA SER B 142 15.66 6.01 -18.53
C SER B 142 15.17 4.61 -18.91
N TRP B 143 13.98 4.27 -18.43
CA TRP B 143 13.37 2.97 -18.70
C TRP B 143 12.88 2.84 -20.14
N THR B 144 12.42 3.96 -20.73
CA THR B 144 11.81 3.94 -22.08
C THR B 144 12.35 4.92 -23.12
N HIS B 145 13.19 5.88 -22.70
CA HIS B 145 13.65 6.94 -23.59
C HIS B 145 15.11 6.76 -23.97
N HIS B 146 15.40 6.92 -25.25
CA HIS B 146 16.77 7.02 -25.73
C HIS B 146 17.32 8.46 -25.53
N SER B 147 18.61 8.61 -25.87
CA SER B 147 19.38 9.82 -25.60
C SER B 147 18.97 11.07 -26.38
N ARG B 148 18.18 10.95 -27.46
CA ARG B 148 17.64 12.14 -28.16
C ARG B 148 16.35 12.62 -27.50
N GLU B 149 15.81 11.88 -26.54
CA GLU B 149 14.65 12.34 -25.76
C GLU B 149 15.04 12.72 -24.33
N ILE B 150 15.85 11.89 -23.69
CA ILE B 150 16.42 12.20 -22.38
C ILE B 150 17.91 11.88 -22.38
N SER B 151 18.74 12.86 -21.97
CA SER B 151 20.18 12.61 -21.73
C SER B 151 20.37 12.59 -20.24
N VAL B 152 21.21 11.64 -19.78
CA VAL B 152 21.43 11.46 -18.36
C VAL B 152 22.90 11.70 -18.15
N ASP B 153 23.21 12.59 -17.22
CA ASP B 153 24.59 12.93 -16.89
C ASP B 153 24.82 12.87 -15.39
N PRO B 154 26.02 12.41 -14.96
CA PRO B 154 26.44 12.57 -13.57
C PRO B 154 26.70 14.06 -13.27
N THR B 155 26.97 14.38 -12.01
CA THR B 155 27.53 15.69 -11.69
C THR B 155 28.92 15.44 -11.10
N THR B 156 29.01 15.12 -9.80
CA THR B 156 30.30 15.17 -9.12
C THR B 156 31.34 14.26 -9.74
N GLU B 157 31.04 12.97 -9.90
CA GLU B 157 31.97 12.00 -10.53
C GLU B 157 32.85 11.26 -9.53
N ASN B 158 33.44 11.99 -8.57
CA ASN B 158 34.33 11.47 -7.54
C ASN B 158 34.10 12.09 -6.17
N SER B 159 33.87 11.25 -5.17
CA SER B 159 33.51 11.67 -3.82
C SER B 159 33.70 10.54 -2.81
N ASP B 160 34.07 10.87 -1.58
CA ASP B 160 34.02 9.93 -0.45
C ASP B 160 32.67 9.96 0.29
N ASP B 161 31.79 10.86 -0.13
CA ASP B 161 30.47 11.08 0.49
C ASP B 161 30.50 11.40 1.97
N SER B 162 31.62 11.95 2.47
CA SER B 162 31.79 12.20 3.90
C SER B 162 30.74 13.17 4.45
N GLU B 163 30.23 14.06 3.60
CA GLU B 163 29.23 15.02 4.00
C GLU B 163 27.82 14.41 4.24
N TYR B 164 27.57 13.20 3.71
CA TYR B 164 26.21 12.59 3.66
C TYR B 164 26.14 11.33 4.54
N PHE B 165 27.18 10.52 4.53
CA PHE B 165 27.12 9.15 5.02
C PHE B 165 27.06 9.07 6.54
N SER B 166 26.15 8.24 7.06
CA SER B 166 25.97 8.07 8.49
C SER B 166 27.23 7.54 9.13
N GLN B 167 27.72 8.25 10.15
CA GLN B 167 28.83 7.74 10.91
C GLN B 167 28.48 6.46 11.69
N TYR B 168 27.19 6.11 11.74
CA TYR B 168 26.71 5.00 12.61
C TYR B 168 26.55 3.71 11.80
N SER B 169 26.65 3.75 10.47
CA SER B 169 26.71 2.54 9.68
C SER B 169 27.82 1.61 10.11
N ARG B 170 27.63 0.32 9.90
CA ARG B 170 28.65 -0.73 10.16
C ARG B 170 29.72 -0.63 9.06
N PHE B 171 29.36 0.03 7.95
CA PHE B 171 30.24 0.17 6.79
C PHE B 171 30.78 1.57 6.70
N GLU B 172 31.90 1.71 5.98
CA GLU B 172 32.43 3.00 5.60
C GLU B 172 32.65 3.04 4.10
N ILE B 173 32.48 4.24 3.54
CA ILE B 173 32.63 4.48 2.12
C ILE B 173 34.08 4.88 1.84
N LEU B 174 34.72 4.15 0.92
CA LEU B 174 36.06 4.46 0.47
C LEU B 174 36.01 5.44 -0.70
N ASP B 175 35.06 5.23 -1.61
CA ASP B 175 34.93 6.04 -2.82
C ASP B 175 33.62 5.78 -3.54
N VAL B 176 33.06 6.84 -4.10
CA VAL B 176 31.89 6.75 -4.98
C VAL B 176 32.25 7.45 -6.26
N THR B 177 32.16 6.72 -7.37
CA THR B 177 32.42 7.27 -8.68
C THR B 177 31.16 7.12 -9.50
N GLN B 178 30.84 8.16 -10.26
CA GLN B 178 29.63 8.25 -11.06
C GLN B 178 30.04 8.66 -12.46
N LYS B 179 29.88 7.75 -13.42
CA LYS B 179 30.29 7.96 -14.79
C LYS B 179 29.20 7.67 -15.82
N LYS B 180 29.21 8.44 -16.90
CA LYS B 180 28.32 8.25 -18.01
C LYS B 180 28.84 7.15 -18.91
N ASN B 181 27.95 6.27 -19.36
CA ASN B 181 28.17 5.36 -20.48
C ASN B 181 27.18 5.69 -21.58
N SER B 182 27.66 5.68 -22.83
CA SER B 182 26.84 5.85 -24.01
C SER B 182 27.19 4.70 -24.92
N VAL B 183 26.17 3.98 -25.37
CA VAL B 183 26.37 2.90 -26.30
C VAL B 183 25.49 3.17 -27.52
N THR B 184 26.04 2.85 -28.69
CA THR B 184 25.31 2.84 -29.93
C THR B 184 25.41 1.42 -30.45
N TYR B 185 24.26 0.84 -30.79
CA TYR B 185 24.15 -0.55 -31.31
C TYR B 185 24.08 -0.51 -32.83
N SER B 186 24.58 -1.53 -33.52
CA SER B 186 24.62 -1.57 -34.97
C SER B 186 23.22 -1.45 -35.57
N CYS B 187 22.23 -2.09 -34.94
CA CYS B 187 20.85 -2.10 -35.42
C CYS B 187 20.19 -0.73 -35.51
N CYS B 188 20.55 0.20 -34.63
CA CYS B 188 19.66 1.29 -34.21
C CYS B 188 20.45 2.58 -34.12
N PRO B 189 19.98 3.69 -34.74
CA PRO B 189 20.81 4.88 -34.95
C PRO B 189 21.12 5.65 -33.64
N GLU B 190 20.13 5.77 -32.75
CA GLU B 190 20.23 6.50 -31.50
C GLU B 190 21.09 5.80 -30.45
N ALA B 191 21.54 6.61 -29.48
CA ALA B 191 22.42 6.17 -28.40
C ALA B 191 21.65 5.91 -27.11
N TYR B 192 22.15 4.96 -26.32
CA TYR B 192 21.57 4.58 -25.00
C TYR B 192 22.59 4.86 -23.90
N GLU B 193 22.13 5.62 -22.91
CA GLU B 193 22.94 6.20 -21.88
C GLU B 193 22.56 5.58 -20.57
N ASP B 194 23.54 5.55 -19.67
CA ASP B 194 23.28 5.35 -18.28
C ASP B 194 24.39 5.97 -17.47
N VAL B 195 24.12 6.11 -16.17
CA VAL B 195 25.08 6.54 -15.21
C VAL B 195 25.42 5.33 -14.38
N GLU B 196 26.71 5.01 -14.32
CA GLU B 196 27.22 3.93 -13.53
C GLU B 196 27.77 4.52 -12.24
N VAL B 197 27.16 4.12 -11.11
CA VAL B 197 27.59 4.53 -9.79
C VAL B 197 28.36 3.36 -9.20
N SER B 198 29.63 3.60 -8.86
CA SER B 198 30.50 2.57 -8.27
C SER B 198 30.71 2.97 -6.84
N LEU B 199 30.20 2.14 -5.93
CA LEU B 199 30.18 2.38 -4.51
C LEU B 199 31.21 1.41 -3.94
N ASN B 200 32.37 1.95 -3.57
CA ASN B 200 33.47 1.22 -3.00
C ASN B 200 33.41 1.42 -1.48
N PHE B 201 33.18 0.33 -0.74
CA PHE B 201 32.87 0.40 0.69
C PHE B 201 33.37 -0.85 1.37
N ARG B 202 33.49 -0.79 2.69
CA ARG B 202 33.94 -1.96 3.49
C ARG B 202 33.36 -1.92 4.91
N LYS B 203 33.36 -3.08 5.57
CA LYS B 203 32.93 -3.21 6.96
C LYS B 203 33.99 -2.53 7.75
N LYS B 204 33.59 -1.74 8.74
CA LYS B 204 34.54 -1.13 9.67
C LYS B 204 35.21 -2.20 10.52
N GLY B 205 36.46 -1.95 10.91
CA GLY B 205 37.20 -2.80 11.82
C GLY B 205 36.50 -2.90 13.16
N LEU C 1 2.22 17.27 -35.92
CA LEU C 1 1.90 16.80 -34.56
C LEU C 1 3.16 16.72 -33.74
N ASP C 2 3.14 17.35 -32.56
CA ASP C 2 4.20 17.18 -31.57
C ASP C 2 3.75 16.10 -30.57
N ARG C 3 4.62 15.80 -29.61
CA ARG C 3 4.40 14.76 -28.58
C ARG C 3 3.15 15.08 -27.76
N ALA C 4 2.93 16.36 -27.44
CA ALA C 4 1.78 16.75 -26.65
C ALA C 4 0.47 16.40 -27.38
N ASP C 5 0.42 16.71 -28.69
CA ASP C 5 -0.73 16.39 -29.53
C ASP C 5 -1.01 14.88 -29.56
N ILE C 6 0.05 14.09 -29.75
CA ILE C 6 -0.08 12.67 -29.84
C ILE C 6 -0.64 12.10 -28.54
N LEU C 7 -0.10 12.57 -27.42
CA LEU C 7 -0.52 12.13 -26.10
C LEU C 7 -1.97 12.54 -25.84
N TYR C 8 -2.34 13.75 -26.24
CA TYR C 8 -3.75 14.25 -26.17
C TYR C 8 -4.65 13.30 -26.97
N ASN C 9 -4.28 13.01 -28.21
CA ASN C 9 -5.06 12.13 -29.05
C ASN C 9 -5.19 10.73 -28.47
N ILE C 10 -4.11 10.21 -27.87
CA ILE C 10 -4.14 8.89 -27.27
C ILE C 10 -5.10 8.89 -26.07
N ARG C 11 -5.06 9.94 -25.25
CA ARG C 11 -5.95 10.07 -24.07
C ARG C 11 -7.41 10.17 -24.54
N GLN C 12 -7.69 10.85 -25.65
CA GLN C 12 -9.03 10.90 -26.23
C GLN C 12 -9.56 9.59 -26.79
N THR C 13 -8.68 8.71 -27.28
CA THR C 13 -9.13 7.52 -27.98
C THR C 13 -9.04 6.26 -27.12
N SER C 14 -7.91 6.12 -26.43
CA SER C 14 -7.61 4.94 -25.64
C SER C 14 -8.60 4.77 -24.51
N ARG C 15 -9.10 3.55 -24.39
CA ARG C 15 -10.02 3.12 -23.31
C ARG C 15 -9.29 2.01 -22.55
N PRO C 16 -8.68 2.31 -21.38
CA PRO C 16 -7.95 1.32 -20.60
C PRO C 16 -8.74 0.06 -20.24
N ASP C 17 -10.07 0.16 -20.20
CA ASP C 17 -10.92 -0.93 -19.80
C ASP C 17 -11.49 -1.72 -20.98
N VAL C 18 -11.06 -1.38 -22.21
CA VAL C 18 -11.61 -1.96 -23.43
C VAL C 18 -10.53 -2.64 -24.24
N ILE C 19 -10.62 -3.97 -24.33
CA ILE C 19 -9.70 -4.78 -25.08
C ILE C 19 -9.78 -4.30 -26.52
N PRO C 20 -8.66 -3.96 -27.18
CA PRO C 20 -8.73 -3.43 -28.54
C PRO C 20 -8.85 -4.51 -29.62
N THR C 21 -9.86 -5.38 -29.54
CA THR C 21 -10.11 -6.35 -30.60
C THR C 21 -10.64 -5.57 -31.78
N GLN C 22 -10.27 -6.03 -32.98
CA GLN C 22 -10.81 -5.49 -34.23
C GLN C 22 -11.59 -6.60 -34.92
N ARG C 23 -12.90 -6.38 -35.12
CA ARG C 23 -13.85 -7.26 -35.87
C ARG C 23 -13.85 -8.68 -35.25
N ASP C 24 -13.85 -8.77 -33.91
CA ASP C 24 -13.89 -10.06 -33.19
C ASP C 24 -12.69 -11.01 -33.45
N ARG C 25 -11.59 -10.48 -34.00
CA ARG C 25 -10.26 -11.16 -34.03
C ARG C 25 -9.66 -10.99 -32.64
N PRO C 26 -8.90 -11.98 -32.14
CA PRO C 26 -8.22 -11.82 -30.87
C PRO C 26 -7.14 -10.71 -30.96
N VAL C 27 -6.77 -10.11 -29.84
CA VAL C 27 -5.62 -9.28 -29.75
C VAL C 27 -4.47 -10.26 -29.55
N ALA C 28 -3.52 -10.24 -30.48
CA ALA C 28 -2.30 -11.03 -30.39
C ALA C 28 -1.35 -10.30 -29.45
N VAL C 29 -1.06 -10.96 -28.32
CA VAL C 29 -0.11 -10.45 -27.36
C VAL C 29 1.11 -11.33 -27.38
N SER C 30 2.29 -10.71 -27.50
CA SER C 30 3.56 -11.41 -27.54
C SER C 30 4.15 -11.19 -26.17
N VAL C 31 4.76 -12.24 -25.61
CA VAL C 31 5.22 -12.20 -24.27
C VAL C 31 6.48 -13.02 -24.21
N SER C 32 7.50 -12.46 -23.53
CA SER C 32 8.73 -13.13 -23.29
C SER C 32 9.30 -12.67 -21.96
N LEU C 33 9.56 -13.63 -21.07
CA LEU C 33 10.14 -13.33 -19.75
C LEU C 33 11.63 -13.39 -19.91
N LYS C 34 12.33 -12.33 -19.49
CA LYS C 34 13.77 -12.30 -19.48
C LYS C 34 14.20 -12.27 -18.03
N PHE C 35 14.80 -13.37 -17.57
CA PHE C 35 15.21 -13.51 -16.22
C PHE C 35 16.47 -12.70 -15.93
N ILE C 36 16.38 -11.93 -14.83
CA ILE C 36 17.45 -11.06 -14.40
C ILE C 36 18.15 -11.61 -13.19
N ASN C 37 17.37 -12.18 -12.28
CA ASN C 37 17.94 -12.73 -11.08
C ASN C 37 17.05 -13.78 -10.44
N ILE C 38 17.70 -14.69 -9.70
CA ILE C 38 17.05 -15.64 -8.83
C ILE C 38 17.61 -15.33 -7.47
N LEU C 39 16.74 -14.86 -6.58
CA LEU C 39 17.14 -14.21 -5.33
C LEU C 39 17.13 -15.14 -4.17
N GLU C 40 16.10 -15.98 -4.11
CA GLU C 40 15.96 -16.89 -3.00
C GLU C 40 15.30 -18.14 -3.51
N VAL C 41 15.77 -19.27 -2.99
CA VAL C 41 15.32 -20.56 -3.44
C VAL C 41 15.17 -21.35 -2.16
N ASN C 42 14.10 -22.12 -2.05
CA ASN C 42 13.92 -23.00 -0.90
C ASN C 42 13.56 -24.41 -1.38
N GLU C 43 14.49 -25.36 -1.20
CA GLU C 43 14.31 -26.70 -1.72
C GLU C 43 13.34 -27.50 -0.82
N ILE C 44 13.21 -27.10 0.45
CA ILE C 44 12.25 -27.71 1.36
C ILE C 44 10.79 -27.31 1.02
N THR C 45 10.53 -26.00 0.85
CA THR C 45 9.17 -25.49 0.57
C THR C 45 8.80 -25.42 -0.91
N ASN C 46 9.74 -25.77 -1.79
CA ASN C 46 9.61 -25.59 -3.24
C ASN C 46 9.11 -24.20 -3.66
N GLU C 47 9.79 -23.16 -3.17
CA GLU C 47 9.47 -21.79 -3.56
C GLU C 47 10.73 -21.08 -4.09
N VAL C 48 10.53 -20.23 -5.09
CA VAL C 48 11.61 -19.45 -5.66
C VAL C 48 11.13 -18.01 -5.77
N ASP C 49 12.07 -17.07 -5.62
CA ASP C 49 11.82 -15.66 -5.72
C ASP C 49 12.70 -15.16 -6.87
N VAL C 50 12.08 -14.60 -7.90
CA VAL C 50 12.78 -14.22 -9.12
C VAL C 50 12.47 -12.79 -9.55
N VAL C 51 13.42 -12.20 -10.29
CA VAL C 51 13.22 -10.95 -10.97
C VAL C 51 13.35 -11.19 -12.46
N PHE C 52 12.36 -10.70 -13.21
CA PHE C 52 12.36 -10.82 -14.66
C PHE C 52 11.75 -9.59 -15.33
N TRP C 53 12.22 -9.30 -16.55
CA TRP C 53 11.58 -8.34 -17.41
C TRP C 53 10.51 -9.08 -18.22
N GLN C 54 9.29 -8.57 -18.18
CA GLN C 54 8.19 -9.17 -18.91
C GLN C 54 7.95 -8.40 -20.19
N GLN C 55 8.69 -8.75 -21.24
CA GLN C 55 8.53 -8.05 -22.49
C GLN C 55 7.19 -8.41 -23.12
N THR C 56 6.33 -7.41 -23.29
CA THR C 56 4.95 -7.62 -23.74
C THR C 56 4.66 -6.65 -24.87
N THR C 57 4.15 -7.16 -25.98
CA THR C 57 3.77 -6.31 -27.10
C THR C 57 2.42 -6.72 -27.67
N TRP C 58 1.71 -5.72 -28.18
CA TRP C 58 0.43 -5.94 -28.83
C TRP C 58 0.14 -4.68 -29.61
N SER C 59 -0.99 -4.68 -30.29
CA SER C 59 -1.38 -3.65 -31.23
C SER C 59 -2.74 -3.12 -30.80
N ASP C 60 -2.89 -1.80 -30.83
CA ASP C 60 -4.14 -1.13 -30.65
C ASP C 60 -4.18 -0.09 -31.76
N ARG C 61 -4.82 -0.47 -32.88
CA ARG C 61 -4.87 0.32 -34.13
C ARG C 61 -5.54 1.67 -33.89
N THR C 62 -6.41 1.80 -32.87
CA THR C 62 -7.03 3.08 -32.58
C THR C 62 -6.03 4.16 -32.11
N LEU C 63 -4.85 3.74 -31.65
CA LEU C 63 -3.83 4.69 -31.19
C LEU C 63 -3.01 5.27 -32.33
N ALA C 64 -3.09 4.65 -33.52
CA ALA C 64 -2.23 5.01 -34.63
C ALA C 64 -2.38 6.48 -35.04
N TRP C 65 -1.29 7.04 -35.59
CA TRP C 65 -1.28 8.39 -36.10
C TRP C 65 -0.35 8.43 -37.29
N ASN C 66 -0.45 9.45 -38.12
CA ASN C 66 0.45 9.61 -39.25
C ASN C 66 1.77 10.21 -38.77
N SER C 67 2.87 9.49 -38.98
CA SER C 67 4.16 9.88 -38.46
C SER C 67 5.19 10.49 -39.45
N SER C 68 4.78 10.77 -40.69
CA SER C 68 5.57 11.69 -41.54
C SER C 68 5.45 13.04 -40.83
N HIS C 69 6.56 13.76 -40.72
CA HIS C 69 6.63 15.05 -40.06
C HIS C 69 6.08 15.03 -38.62
N SER C 70 6.12 13.87 -37.96
CA SER C 70 5.83 13.75 -36.54
C SER C 70 6.74 12.71 -35.90
N PRO C 71 6.90 12.73 -34.55
CA PRO C 71 7.55 11.62 -33.86
C PRO C 71 6.84 10.29 -34.15
N ASP C 72 7.58 9.20 -34.34
CA ASP C 72 6.95 7.91 -34.62
C ASP C 72 6.73 7.04 -33.42
N GLN C 73 7.15 7.52 -32.24
CA GLN C 73 6.87 6.85 -30.97
C GLN C 73 6.75 7.86 -29.86
N VAL C 74 6.04 7.48 -28.80
CA VAL C 74 6.05 8.18 -27.54
C VAL C 74 5.95 7.20 -26.39
N SER C 75 6.32 7.67 -25.20
CA SER C 75 6.23 6.93 -23.96
C SER C 75 4.94 7.39 -23.35
N VAL C 76 4.12 6.43 -22.87
CA VAL C 76 2.79 6.69 -22.38
C VAL C 76 2.59 5.91 -21.08
N PRO C 77 2.03 6.52 -20.02
CA PRO C 77 1.79 5.80 -18.78
C PRO C 77 0.77 4.69 -19.06
N ILE C 78 0.98 3.50 -18.52
CA ILE C 78 0.05 2.41 -18.78
C ILE C 78 -1.33 2.61 -18.25
N SER C 79 -1.50 3.52 -17.30
CA SER C 79 -2.83 3.84 -16.79
C SER C 79 -3.69 4.52 -17.87
N SER C 80 -3.08 5.07 -18.93
CA SER C 80 -3.82 5.57 -20.06
C SER C 80 -4.13 4.53 -21.16
N LEU C 81 -3.61 3.30 -21.01
CA LEU C 81 -3.72 2.24 -22.03
C LEU C 81 -4.40 1.01 -21.50
N TRP C 82 -5.06 0.27 -22.39
CA TRP C 82 -5.41 -1.09 -22.09
C TRP C 82 -4.09 -1.87 -22.04
N VAL C 83 -3.97 -2.75 -21.04
CA VAL C 83 -2.87 -3.70 -20.94
C VAL C 83 -3.49 -5.08 -20.75
N PRO C 84 -2.90 -6.15 -21.30
CA PRO C 84 -3.43 -7.50 -21.11
C PRO C 84 -3.43 -7.94 -19.63
N ASP C 85 -4.47 -8.67 -19.22
CA ASP C 85 -4.64 -9.14 -17.85
C ASP C 85 -3.87 -10.44 -17.60
N LEU C 86 -2.57 -10.43 -17.86
CA LEU C 86 -1.74 -11.63 -17.70
C LEU C 86 -1.47 -11.94 -16.22
N ALA C 87 -1.45 -13.23 -15.89
CA ALA C 87 -1.20 -13.72 -14.55
C ALA C 87 -0.53 -15.05 -14.62
N ALA C 88 0.32 -15.33 -13.63
CA ALA C 88 0.94 -16.63 -13.47
C ALA C 88 0.06 -17.45 -12.57
N TYR C 89 -0.44 -18.57 -13.08
CA TYR C 89 -1.42 -19.46 -12.39
C TYR C 89 -0.78 -20.13 -11.15
N ASN C 90 0.53 -20.27 -11.10
CA ASN C 90 1.21 -20.87 -9.91
C ASN C 90 2.02 -19.86 -9.08
N ALA C 91 1.65 -18.59 -9.23
CA ALA C 91 2.33 -17.53 -8.42
C ALA C 91 1.76 -17.59 -7.02
N ILE C 92 2.60 -17.36 -6.02
CA ILE C 92 2.18 -17.32 -4.65
C ILE C 92 2.43 -15.93 -4.03
N SER C 93 2.76 -14.95 -4.85
CA SER C 93 2.81 -13.56 -4.42
C SER C 93 2.33 -12.66 -5.52
N LYS C 94 1.92 -11.44 -5.15
CA LYS C 94 1.54 -10.38 -6.11
C LYS C 94 2.81 -10.09 -6.90
N PRO C 95 2.70 -9.81 -8.22
CA PRO C 95 3.85 -9.32 -8.97
C PRO C 95 4.22 -7.91 -8.46
N GLU C 96 5.44 -7.71 -7.94
CA GLU C 96 5.90 -6.37 -7.51
C GLU C 96 6.56 -5.74 -8.73
N VAL C 97 5.94 -4.73 -9.32
CA VAL C 97 6.53 -3.96 -10.45
C VAL C 97 7.59 -2.99 -9.91
N LEU C 98 8.85 -3.15 -10.34
CA LEU C 98 9.97 -2.36 -9.79
C LEU C 98 10.25 -1.06 -10.53
N THR C 99 9.72 -0.93 -11.74
CA THR C 99 10.12 0.06 -12.70
C THR C 99 9.02 1.08 -13.00
N PRO C 100 9.36 2.22 -13.65
CA PRO C 100 8.35 3.19 -14.09
C PRO C 100 7.34 2.57 -15.05
N GLN C 101 6.06 2.84 -14.81
CA GLN C 101 4.99 2.14 -15.50
C GLN C 101 4.61 2.87 -16.78
N LEU C 102 5.56 2.88 -17.72
CA LEU C 102 5.43 3.56 -18.98
C LEU C 102 5.61 2.52 -20.06
N ALA C 103 4.70 2.55 -21.03
CA ALA C 103 4.86 1.80 -22.25
C ALA C 103 5.34 2.75 -23.36
N ARG C 104 5.83 2.13 -24.42
CA ARG C 104 6.19 2.77 -25.69
C ARG C 104 5.07 2.50 -26.69
N VAL C 105 4.55 3.56 -27.32
CA VAL C 105 3.55 3.42 -28.33
C VAL C 105 4.14 3.93 -29.65
N VAL C 106 4.07 3.06 -30.66
CA VAL C 106 4.54 3.32 -32.00
C VAL C 106 3.37 3.84 -32.81
N SER C 107 3.68 4.69 -33.80
CA SER C 107 2.67 5.36 -34.61
C SER C 107 1.73 4.44 -35.40
N ASP C 108 2.14 3.21 -35.63
CA ASP C 108 1.26 2.22 -36.23
C ASP C 108 0.36 1.53 -35.21
N GLY C 109 0.47 1.93 -33.94
CA GLY C 109 -0.43 1.44 -32.92
C GLY C 109 0.13 0.27 -32.13
N GLU C 110 1.39 -0.10 -32.38
CA GLU C 110 2.01 -1.08 -31.55
C GLU C 110 2.34 -0.48 -30.16
N VAL C 111 2.08 -1.30 -29.12
CA VAL C 111 2.39 -0.97 -27.74
C VAL C 111 3.43 -1.94 -27.21
N LEU C 112 4.48 -1.41 -26.59
CA LEU C 112 5.53 -2.21 -26.00
C LEU C 112 5.70 -1.79 -24.55
N TYR C 113 5.50 -2.75 -23.65
CA TYR C 113 5.61 -2.59 -22.19
C TYR C 113 6.52 -3.69 -21.65
N MET C 114 7.58 -3.29 -20.95
CA MET C 114 8.53 -4.22 -20.40
C MET C 114 8.84 -3.85 -18.96
N PRO C 115 7.92 -4.17 -18.03
CA PRO C 115 8.16 -3.93 -16.61
C PRO C 115 9.17 -4.96 -16.06
N SER C 116 9.97 -4.52 -15.09
CA SER C 116 10.74 -5.43 -14.28
C SER C 116 9.82 -5.84 -13.12
N ILE C 117 9.70 -7.15 -12.93
CA ILE C 117 8.80 -7.71 -11.95
C ILE C 117 9.56 -8.64 -11.05
N ARG C 118 9.28 -8.53 -9.76
CA ARG C 118 9.73 -9.48 -8.73
C ARG C 118 8.50 -10.28 -8.26
N GLN C 119 8.62 -11.61 -8.18
CA GLN C 119 7.52 -12.45 -7.84
C GLN C 119 7.99 -13.79 -7.33
N ARG C 120 7.21 -14.41 -6.46
CA ARG C 120 7.50 -15.76 -5.90
C ARG C 120 6.60 -16.80 -6.57
N PHE C 121 7.16 -17.99 -6.80
CA PHE C 121 6.45 -19.09 -7.42
C PHE C 121 6.66 -20.36 -6.64
N SER C 122 5.64 -21.21 -6.71
CA SER C 122 5.69 -22.57 -6.20
C SER C 122 6.14 -23.35 -7.41
N CYS C 123 7.28 -24.05 -7.25
CA CYS C 123 8.03 -24.64 -8.37
C CYS C 123 8.78 -25.87 -7.91
N ASP C 124 9.05 -26.80 -8.85
CA ASP C 124 10.02 -27.86 -8.59
C ASP C 124 11.43 -27.26 -8.42
N VAL C 125 11.96 -27.37 -7.20
CA VAL C 125 13.25 -26.83 -6.86
C VAL C 125 14.28 -27.93 -6.64
N SER C 126 13.82 -29.19 -6.72
CA SER C 126 14.72 -30.32 -6.46
C SER C 126 15.82 -30.31 -7.50
N GLY C 127 17.03 -30.70 -7.07
CA GLY C 127 18.19 -30.80 -7.94
C GLY C 127 18.93 -29.50 -8.19
N VAL C 128 18.56 -28.44 -7.45
CA VAL C 128 19.16 -27.13 -7.63
C VAL C 128 20.67 -27.13 -7.38
N ASP C 129 21.14 -28.01 -6.49
CA ASP C 129 22.56 -28.13 -6.19
C ASP C 129 23.26 -29.23 -6.95
N THR C 130 22.64 -29.73 -8.02
CA THR C 130 23.26 -30.72 -8.90
C THR C 130 23.62 -30.07 -10.22
N GLU C 131 24.32 -30.83 -11.08
CA GLU C 131 24.74 -30.37 -12.39
C GLU C 131 23.57 -30.17 -13.38
N SER C 132 22.57 -31.06 -13.33
CA SER C 132 21.38 -30.95 -14.19
C SER C 132 20.51 -29.80 -13.78
N GLY C 133 20.51 -29.51 -12.47
CA GLY C 133 19.86 -28.32 -11.93
C GLY C 133 18.40 -28.58 -11.62
N ALA C 134 17.72 -27.55 -11.13
CA ALA C 134 16.28 -27.56 -10.93
C ALA C 134 15.62 -26.98 -12.17
N THR C 135 14.37 -27.37 -12.42
CA THR C 135 13.55 -26.84 -13.49
C THR C 135 12.23 -26.34 -12.92
N CYS C 136 12.11 -25.02 -12.83
CA CYS C 136 10.98 -24.33 -12.25
C CYS C 136 10.02 -23.86 -13.37
N ARG C 137 8.78 -24.36 -13.33
CA ARG C 137 7.77 -24.16 -14.40
C ARG C 137 6.77 -23.08 -14.00
N ILE C 138 6.56 -22.07 -14.84
CA ILE C 138 5.60 -20.98 -14.61
C ILE C 138 4.62 -20.93 -15.75
N LYS C 139 3.32 -21.00 -15.46
CA LYS C 139 2.24 -20.93 -16.45
C LYS C 139 1.64 -19.56 -16.41
N ILE C 140 1.70 -18.84 -17.53
CA ILE C 140 1.18 -17.50 -17.68
C ILE C 140 0.11 -17.42 -18.75
N GLY C 141 -0.98 -16.72 -18.46
CA GLY C 141 -2.07 -16.48 -19.37
C GLY C 141 -2.92 -15.29 -18.98
N SER C 142 -3.94 -15.01 -19.80
CA SER C 142 -4.95 -14.02 -19.51
C SER C 142 -5.81 -14.61 -18.41
N TRP C 143 -6.13 -13.77 -17.41
CA TRP C 143 -6.94 -14.19 -16.29
C TRP C 143 -8.44 -14.37 -16.68
N THR C 144 -8.92 -13.54 -17.62
CA THR C 144 -10.36 -13.54 -17.98
C THR C 144 -10.74 -13.72 -19.46
N HIS C 145 -9.75 -13.63 -20.35
CA HIS C 145 -10.03 -13.71 -21.78
C HIS C 145 -9.59 -15.05 -22.36
N HIS C 146 -10.49 -15.70 -23.10
CA HIS C 146 -10.18 -16.89 -23.88
C HIS C 146 -9.48 -16.52 -25.21
N SER C 147 -9.15 -17.55 -26.00
CA SER C 147 -8.34 -17.41 -27.20
C SER C 147 -8.96 -16.64 -28.38
N ARG C 148 -10.27 -16.44 -28.38
CA ARG C 148 -10.92 -15.56 -29.39
C ARG C 148 -10.84 -14.10 -28.98
N GLU C 149 -10.42 -13.79 -27.75
CA GLU C 149 -10.22 -12.41 -27.33
C GLU C 149 -8.76 -12.03 -27.18
N ILE C 150 -7.96 -12.92 -26.58
CA ILE C 150 -6.51 -12.75 -26.48
C ILE C 150 -5.78 -14.03 -26.92
N SER C 151 -4.76 -13.85 -27.78
CA SER C 151 -3.79 -14.91 -28.10
C SER C 151 -2.50 -14.53 -27.45
N VAL C 152 -1.79 -15.52 -26.91
CA VAL C 152 -0.54 -15.30 -26.23
C VAL C 152 0.51 -16.05 -27.02
N ASP C 153 1.57 -15.33 -27.40
CA ASP C 153 2.53 -15.78 -28.37
C ASP C 153 3.91 -15.60 -27.74
N PRO C 154 4.52 -16.72 -27.32
CA PRO C 154 5.83 -16.69 -26.73
C PRO C 154 6.83 -16.35 -27.82
N THR C 155 7.74 -15.44 -27.51
CA THR C 155 8.87 -15.17 -28.42
C THR C 155 10.09 -15.57 -27.59
N THR C 156 11.19 -15.85 -28.28
CA THR C 156 12.39 -16.40 -27.63
C THR C 156 12.04 -17.67 -26.83
N GLU C 157 11.57 -18.69 -27.55
CA GLU C 157 11.19 -19.95 -26.98
C GLU C 157 12.30 -20.77 -26.36
N ASN C 158 13.54 -20.59 -26.83
CA ASN C 158 14.75 -21.22 -26.32
C ASN C 158 15.91 -20.24 -26.21
N SER C 159 16.44 -20.13 -24.98
CA SER C 159 17.54 -19.23 -24.68
C SER C 159 18.24 -19.60 -23.36
N ASP C 160 19.55 -19.36 -23.31
CA ASP C 160 20.32 -19.44 -22.08
C ASP C 160 20.21 -18.15 -21.22
N ASP C 161 19.60 -17.09 -21.77
CA ASP C 161 19.39 -15.85 -21.09
C ASP C 161 20.66 -15.11 -20.70
N SER C 162 21.78 -15.45 -21.34
CA SER C 162 23.08 -14.93 -20.97
C SER C 162 23.17 -13.41 -21.05
N GLU C 163 22.38 -12.82 -21.94
CA GLU C 163 22.38 -11.39 -22.17
C GLU C 163 21.71 -10.59 -21.04
N TYR C 164 20.88 -11.25 -20.21
CA TYR C 164 20.02 -10.57 -19.21
C TYR C 164 20.41 -10.89 -17.78
N PHE C 165 20.77 -12.15 -17.53
CA PHE C 165 20.87 -12.66 -16.16
C PHE C 165 22.06 -12.13 -15.42
N SER C 166 21.87 -11.71 -14.17
CA SER C 166 22.92 -11.08 -13.37
C SER C 166 24.07 -12.05 -13.20
N GLN C 167 25.28 -11.59 -13.54
CA GLN C 167 26.47 -12.38 -13.26
C GLN C 167 26.72 -12.52 -11.76
N TYR C 168 25.99 -11.79 -10.92
CA TYR C 168 26.29 -11.74 -9.47
C TYR C 168 25.36 -12.68 -8.70
N SER C 169 24.32 -13.22 -9.32
CA SER C 169 23.46 -14.20 -8.68
C SER C 169 24.29 -15.39 -8.22
N ARG C 170 23.84 -16.06 -7.16
CA ARG C 170 24.53 -17.29 -6.69
C ARG C 170 24.08 -18.45 -7.59
N PHE C 171 23.08 -18.22 -8.45
CA PHE C 171 22.62 -19.20 -9.40
C PHE C 171 23.09 -18.85 -10.81
N GLU C 172 23.11 -19.87 -11.67
CA GLU C 172 23.25 -19.68 -13.11
C GLU C 172 22.11 -20.37 -13.84
N ILE C 173 21.71 -19.77 -14.96
CA ILE C 173 20.71 -20.30 -15.82
C ILE C 173 21.30 -21.26 -16.84
N LEU C 174 20.76 -22.47 -16.91
CA LEU C 174 21.13 -23.44 -17.92
C LEU C 174 20.31 -23.26 -19.18
N ASP C 175 19.00 -23.01 -19.01
CA ASP C 175 18.09 -22.92 -20.14
C ASP C 175 16.74 -22.36 -19.70
N VAL C 176 16.13 -21.56 -20.59
CA VAL C 176 14.79 -21.04 -20.41
C VAL C 176 14.04 -21.40 -21.68
N THR C 177 12.92 -22.11 -21.52
CA THR C 177 12.05 -22.37 -22.62
C THR C 177 10.69 -21.75 -22.31
N GLN C 178 10.05 -21.21 -23.36
CA GLN C 178 8.76 -20.55 -23.28
C GLN C 178 7.93 -21.09 -24.40
N LYS C 179 6.86 -21.80 -24.08
CA LYS C 179 6.09 -22.57 -25.08
C LYS C 179 4.61 -22.35 -24.93
N LYS C 180 3.95 -22.25 -26.08
CA LYS C 180 2.52 -22.01 -26.17
C LYS C 180 1.78 -23.30 -25.92
N ASN C 181 0.71 -23.24 -25.12
CA ASN C 181 -0.15 -24.39 -24.87
C ASN C 181 -1.59 -23.96 -24.94
N SER C 182 -2.43 -24.72 -25.64
CA SER C 182 -3.83 -24.37 -25.88
C SER C 182 -4.59 -25.62 -25.62
N VAL C 183 -5.63 -25.48 -24.78
CA VAL C 183 -6.53 -26.59 -24.56
C VAL C 183 -7.95 -26.24 -25.02
N THR C 184 -8.65 -27.25 -25.54
CA THR C 184 -10.06 -27.14 -25.82
C THR C 184 -10.72 -28.21 -24.96
N TYR C 185 -11.72 -27.81 -24.19
CA TYR C 185 -12.48 -28.73 -23.27
C TYR C 185 -13.76 -29.17 -23.99
N SER C 186 -14.26 -30.37 -23.72
CA SER C 186 -15.42 -30.86 -24.47
C SER C 186 -16.66 -30.00 -24.20
N CYS C 187 -16.81 -29.47 -22.98
CA CYS C 187 -17.94 -28.61 -22.62
C CYS C 187 -18.12 -27.35 -23.46
N CYS C 188 -17.01 -26.77 -23.94
CA CYS C 188 -16.93 -25.35 -24.25
C CYS C 188 -16.20 -25.18 -25.58
N PRO C 189 -16.77 -24.41 -26.54
CA PRO C 189 -16.26 -24.41 -27.93
C PRO C 189 -14.88 -23.75 -28.08
N GLU C 190 -14.64 -22.63 -27.37
CA GLU C 190 -13.39 -21.89 -27.45
C GLU C 190 -12.20 -22.60 -26.77
N ALA C 191 -11.00 -22.19 -27.17
CA ALA C 191 -9.72 -22.67 -26.64
C ALA C 191 -9.15 -21.74 -25.58
N TYR C 192 -8.33 -22.29 -24.67
CA TYR C 192 -7.63 -21.54 -23.60
C TYR C 192 -6.11 -21.62 -23.78
N GLU C 193 -5.43 -20.47 -23.71
CA GLU C 193 -4.03 -20.35 -24.14
C GLU C 193 -3.21 -19.92 -22.99
N ASP C 194 -1.95 -20.35 -22.95
CA ASP C 194 -0.98 -19.90 -21.99
C ASP C 194 0.42 -20.16 -22.49
N VAL C 195 1.37 -19.51 -21.83
CA VAL C 195 2.77 -19.73 -22.04
C VAL C 195 3.31 -20.48 -20.85
N GLU C 196 3.94 -21.63 -21.11
CA GLU C 196 4.66 -22.39 -20.10
C GLU C 196 6.13 -22.01 -20.16
N VAL C 197 6.63 -21.40 -19.09
CA VAL C 197 8.02 -20.98 -18.98
C VAL C 197 8.73 -21.99 -18.11
N SER C 198 9.76 -22.63 -18.65
CA SER C 198 10.60 -23.55 -17.89
C SER C 198 11.95 -22.93 -17.68
N LEU C 199 12.25 -22.66 -16.40
CA LEU C 199 13.50 -22.02 -15.98
C LEU C 199 14.36 -23.08 -15.36
N ASN C 200 15.38 -23.51 -16.10
CA ASN C 200 16.31 -24.56 -15.67
C ASN C 200 17.59 -23.84 -15.18
N PHE C 201 17.88 -23.99 -13.89
CA PHE C 201 18.94 -23.22 -13.22
C PHE C 201 19.56 -24.05 -12.11
N ARG C 202 20.74 -23.64 -11.64
CA ARG C 202 21.46 -24.34 -10.54
C ARG C 202 22.35 -23.37 -9.76
N LYS C 203 22.74 -23.77 -8.54
CA LYS C 203 23.67 -23.03 -7.71
C LYS C 203 24.99 -23.14 -8.43
N LYS C 204 25.73 -22.03 -8.50
CA LYS C 204 27.07 -22.04 -9.06
C LYS C 204 28.01 -22.87 -8.21
N GLY C 205 29.00 -23.49 -8.85
CA GLY C 205 29.95 -24.36 -8.19
C GLY C 205 30.81 -23.53 -7.25
N LEU D 1 -23.86 -3.10 -30.86
CA LEU D 1 -23.03 -2.69 -29.72
C LEU D 1 -21.68 -3.36 -29.84
N ASP D 2 -20.61 -2.57 -29.72
CA ASP D 2 -19.26 -3.13 -29.60
C ASP D 2 -18.91 -3.20 -28.12
N ARG D 3 -17.72 -3.74 -27.82
CA ARG D 3 -17.23 -3.93 -26.43
C ARG D 3 -17.15 -2.57 -25.73
N ALA D 4 -16.73 -1.53 -26.45
CA ALA D 4 -16.60 -0.20 -25.86
C ALA D 4 -17.94 0.30 -25.34
N ASP D 5 -18.99 0.16 -26.16
CA ASP D 5 -20.35 0.55 -25.78
C ASP D 5 -20.82 -0.18 -24.54
N ILE D 6 -20.63 -1.49 -24.51
CA ILE D 6 -21.11 -2.31 -23.42
C ILE D 6 -20.43 -1.88 -22.14
N LEU D 7 -19.10 -1.70 -22.20
CA LEU D 7 -18.32 -1.36 -21.03
C LEU D 7 -18.69 0.02 -20.54
N TYR D 8 -18.89 0.94 -21.47
CA TYR D 8 -19.33 2.32 -21.14
C TYR D 8 -20.67 2.27 -20.42
N ASN D 9 -21.63 1.52 -20.98
CA ASN D 9 -22.95 1.31 -20.42
C ASN D 9 -22.90 0.78 -19.02
N ILE D 10 -22.05 -0.25 -18.83
CA ILE D 10 -21.94 -0.90 -17.53
C ILE D 10 -21.40 0.09 -16.49
N ARG D 11 -20.37 0.85 -16.88
CA ARG D 11 -19.70 1.81 -15.97
C ARG D 11 -20.71 2.90 -15.59
N GLN D 12 -21.55 3.34 -16.53
CA GLN D 12 -22.55 4.37 -16.23
C GLN D 12 -23.72 3.89 -15.39
N THR D 13 -24.04 2.61 -15.45
CA THR D 13 -25.31 2.07 -14.97
C THR D 13 -25.15 1.34 -13.68
N SER D 14 -24.11 0.51 -13.59
CA SER D 14 -23.75 -0.21 -12.39
C SER D 14 -23.50 0.76 -11.22
N ARG D 15 -24.07 0.40 -10.08
CA ARG D 15 -23.89 1.11 -8.79
C ARG D 15 -23.16 0.17 -7.84
N PRO D 16 -21.82 0.31 -7.68
CA PRO D 16 -21.03 -0.58 -6.84
C PRO D 16 -21.50 -0.65 -5.38
N ASP D 17 -22.20 0.36 -4.91
CA ASP D 17 -22.64 0.44 -3.52
C ASP D 17 -24.07 -0.07 -3.31
N VAL D 18 -24.72 -0.56 -4.39
CA VAL D 18 -26.11 -0.94 -4.35
C VAL D 18 -26.30 -2.41 -4.71
N ILE D 19 -26.71 -3.20 -3.70
CA ILE D 19 -26.93 -4.61 -3.87
C ILE D 19 -28.00 -4.78 -4.96
N PRO D 20 -27.74 -5.57 -6.01
CA PRO D 20 -28.71 -5.67 -7.11
C PRO D 20 -29.82 -6.69 -6.86
N THR D 21 -30.57 -6.55 -5.78
CA THR D 21 -31.70 -7.41 -5.52
C THR D 21 -32.78 -7.07 -6.53
N GLN D 22 -33.51 -8.09 -6.97
CA GLN D 22 -34.62 -7.94 -7.92
C GLN D 22 -35.91 -8.35 -7.21
N ARG D 23 -36.85 -7.40 -7.06
CA ARG D 23 -38.18 -7.54 -6.40
C ARG D 23 -38.04 -8.13 -4.99
N ASP D 24 -37.05 -7.63 -4.22
CA ASP D 24 -36.83 -8.06 -2.83
C ASP D 24 -36.51 -9.57 -2.62
N ARG D 25 -36.13 -10.27 -3.71
CA ARG D 25 -35.46 -11.59 -3.65
C ARG D 25 -34.00 -11.32 -3.28
N PRO D 26 -33.32 -12.25 -2.58
CA PRO D 26 -31.89 -12.10 -2.35
C PRO D 26 -31.11 -12.13 -3.68
N VAL D 27 -29.89 -11.61 -3.68
CA VAL D 27 -28.93 -11.91 -4.69
C VAL D 27 -28.36 -13.28 -4.33
N ALA D 28 -28.54 -14.25 -5.22
CA ALA D 28 -28.00 -15.58 -5.08
C ALA D 28 -26.52 -15.56 -5.48
N VAL D 29 -25.64 -15.77 -4.52
CA VAL D 29 -24.22 -15.85 -4.73
C VAL D 29 -23.72 -17.28 -4.57
N SER D 30 -22.96 -17.75 -5.55
CA SER D 30 -22.35 -19.09 -5.49
C SER D 30 -20.89 -18.82 -5.18
N VAL D 31 -20.31 -19.64 -4.30
CA VAL D 31 -18.93 -19.46 -3.90
C VAL D 31 -18.31 -20.83 -3.71
N SER D 32 -17.09 -20.98 -4.23
CA SER D 32 -16.36 -22.22 -4.23
C SER D 32 -14.87 -21.94 -4.19
N LEU D 33 -14.18 -22.47 -3.18
CA LEU D 33 -12.75 -22.25 -3.03
C LEU D 33 -12.04 -23.36 -3.72
N LYS D 34 -11.10 -23.04 -4.63
CA LYS D 34 -10.23 -24.02 -5.26
C LYS D 34 -8.83 -23.82 -4.73
N PHE D 35 -8.33 -24.78 -3.96
CA PHE D 35 -7.05 -24.67 -3.32
C PHE D 35 -5.92 -24.95 -4.28
N ILE D 36 -4.96 -24.02 -4.30
CA ILE D 36 -3.84 -24.08 -5.22
C ILE D 36 -2.56 -24.46 -4.51
N ASN D 37 -2.40 -23.95 -3.29
CA ASN D 37 -1.24 -24.27 -2.50
C ASN D 37 -1.46 -24.06 -1.04
N ILE D 38 -0.69 -24.80 -0.23
CA ILE D 38 -0.58 -24.62 1.18
C ILE D 38 0.88 -24.34 1.38
N LEU D 39 1.20 -23.11 1.84
CA LEU D 39 2.56 -22.59 1.85
C LEU D 39 3.24 -22.79 3.17
N GLU D 40 2.50 -22.58 4.26
CA GLU D 40 3.07 -22.66 5.57
C GLU D 40 1.98 -23.12 6.51
N VAL D 41 2.38 -23.95 7.47
CA VAL D 41 1.46 -24.54 8.40
C VAL D 41 2.20 -24.52 9.73
N ASN D 42 1.51 -24.18 10.80
CA ASN D 42 2.09 -24.24 12.13
C ASN D 42 1.17 -25.00 13.08
N GLU D 43 1.63 -26.17 13.52
CA GLU D 43 0.83 -27.03 14.37
C GLU D 43 0.79 -26.52 15.82
N ILE D 44 1.82 -25.74 16.21
CA ILE D 44 1.85 -25.12 17.54
C ILE D 44 0.82 -23.96 17.64
N THR D 45 0.83 -23.04 16.66
CA THR D 45 -0.07 -21.86 16.68
C THR D 45 -1.43 -22.06 16.01
N ASN D 46 -1.64 -23.25 15.44
CA ASN D 46 -2.84 -23.53 14.62
C ASN D 46 -3.13 -22.47 13.55
N GLU D 47 -2.12 -22.18 12.73
CA GLU D 47 -2.27 -21.26 11.60
C GLU D 47 -1.84 -21.93 10.30
N VAL D 48 -2.55 -21.61 9.22
CA VAL D 48 -2.15 -22.03 7.89
C VAL D 48 -2.14 -20.81 6.96
N ASP D 49 -1.26 -20.85 5.97
CA ASP D 49 -1.15 -19.86 4.95
C ASP D 49 -1.42 -20.57 3.63
N VAL D 50 -2.47 -20.14 2.93
CA VAL D 50 -2.95 -20.85 1.74
C VAL D 50 -3.17 -19.92 0.58
N VAL D 51 -3.08 -20.47 -0.63
CA VAL D 51 -3.49 -19.81 -1.85
C VAL D 51 -4.65 -20.58 -2.44
N PHE D 52 -5.71 -19.85 -2.78
CA PHE D 52 -6.91 -20.42 -3.39
C PHE D 52 -7.56 -19.48 -4.39
N TRP D 53 -8.24 -20.06 -5.39
CA TRP D 53 -9.11 -19.30 -6.26
C TRP D 53 -10.50 -19.28 -5.65
N GLN D 54 -11.05 -18.09 -5.47
CA GLN D 54 -12.38 -17.94 -4.91
C GLN D 54 -13.39 -17.72 -6.02
N GLN D 55 -13.87 -18.82 -6.58
CA GLN D 55 -14.85 -18.69 -7.64
C GLN D 55 -16.18 -18.20 -7.08
N THR D 56 -16.62 -17.04 -7.55
CA THR D 56 -17.81 -16.36 -7.05
C THR D 56 -18.67 -15.95 -8.21
N THR D 57 -19.97 -16.27 -8.16
CA THR D 57 -20.89 -15.87 -9.23
C THR D 57 -22.19 -15.35 -8.65
N TRP D 58 -22.82 -14.43 -9.38
CA TRP D 58 -24.09 -13.85 -9.02
C TRP D 58 -24.64 -13.14 -10.22
N SER D 59 -25.81 -12.51 -10.08
CA SER D 59 -26.54 -11.88 -11.15
C SER D 59 -26.81 -10.44 -10.80
N ASP D 60 -26.57 -9.53 -11.76
CA ASP D 60 -27.02 -8.16 -11.68
C ASP D 60 -27.73 -7.88 -12.99
N ARG D 61 -29.06 -8.03 -12.99
CA ARG D 61 -29.90 -7.97 -14.21
C ARG D 61 -29.83 -6.57 -14.83
N THR D 62 -29.48 -5.54 -14.06
CA THR D 62 -29.34 -4.20 -14.64
C THR D 62 -28.17 -4.09 -15.63
N LEU D 63 -27.22 -5.03 -15.57
CA LEU D 63 -26.07 -5.04 -16.47
C LEU D 63 -26.39 -5.65 -17.82
N ALA D 64 -27.50 -6.37 -17.92
CA ALA D 64 -27.85 -7.10 -19.12
C ALA D 64 -27.91 -6.22 -20.36
N TRP D 65 -27.63 -6.81 -21.52
CA TRP D 65 -27.73 -6.14 -22.80
C TRP D 65 -28.15 -7.16 -23.82
N ASN D 66 -28.65 -6.69 -24.97
CA ASN D 66 -29.03 -7.57 -26.05
C ASN D 66 -27.79 -8.00 -26.81
N SER D 67 -27.55 -9.31 -26.87
CA SER D 67 -26.32 -9.85 -27.43
C SER D 67 -26.39 -10.51 -28.81
N SER D 68 -27.52 -10.37 -29.52
CA SER D 68 -27.68 -11.01 -30.84
C SER D 68 -26.67 -10.59 -31.91
N HIS D 69 -26.34 -9.30 -31.99
CA HIS D 69 -25.33 -8.80 -32.88
C HIS D 69 -24.22 -8.10 -32.11
N SER D 70 -23.88 -8.65 -30.95
CA SER D 70 -22.95 -8.08 -30.02
C SER D 70 -22.17 -9.18 -29.28
N PRO D 71 -21.01 -8.86 -28.68
CA PRO D 71 -20.34 -9.78 -27.77
C PRO D 71 -21.28 -10.21 -26.64
N ASP D 72 -21.28 -11.47 -26.23
CA ASP D 72 -22.15 -11.88 -25.13
C ASP D 72 -21.50 -11.90 -23.77
N GLN D 73 -20.21 -11.55 -23.71
CA GLN D 73 -19.51 -11.35 -22.46
C GLN D 73 -18.44 -10.30 -22.60
N VAL D 74 -18.09 -9.65 -21.49
CA VAL D 74 -16.96 -8.77 -21.39
C VAL D 74 -16.32 -8.91 -20.03
N SER D 75 -15.05 -8.48 -19.97
CA SER D 75 -14.27 -8.44 -18.74
C SER D 75 -14.41 -7.01 -18.25
N VAL D 76 -14.66 -6.84 -16.95
CA VAL D 76 -14.96 -5.56 -16.34
C VAL D 76 -14.23 -5.44 -15.03
N PRO D 77 -13.58 -4.29 -14.73
CA PRO D 77 -12.88 -4.12 -13.45
C PRO D 77 -13.92 -4.19 -12.33
N ILE D 78 -13.62 -4.92 -11.25
CA ILE D 78 -14.60 -5.04 -10.16
C ILE D 78 -14.93 -3.76 -9.45
N SER D 79 -14.08 -2.74 -9.56
CA SER D 79 -14.37 -1.47 -8.96
C SER D 79 -15.55 -0.78 -9.64
N SER D 80 -15.90 -1.19 -10.86
CA SER D 80 -17.12 -0.72 -11.53
C SER D 80 -18.39 -1.52 -11.19
N LEU D 81 -18.27 -2.59 -10.39
CA LEU D 81 -19.39 -3.49 -10.05
C LEU D 81 -19.64 -3.59 -8.57
N TRP D 82 -20.88 -3.85 -8.20
CA TRP D 82 -21.19 -4.34 -6.88
C TRP D 82 -20.59 -5.74 -6.82
N VAL D 83 -19.94 -6.05 -5.69
CA VAL D 83 -19.41 -7.36 -5.39
C VAL D 83 -19.94 -7.72 -4.01
N PRO D 84 -20.24 -9.00 -3.74
CA PRO D 84 -20.70 -9.40 -2.42
C PRO D 84 -19.60 -9.18 -1.35
N ASP D 85 -19.99 -8.72 -0.16
CA ASP D 85 -19.08 -8.45 0.93
C ASP D 85 -18.72 -9.77 1.69
N LEU D 86 -18.26 -10.78 0.97
CA LEU D 86 -17.86 -12.03 1.56
C LEU D 86 -16.52 -11.88 2.33
N ALA D 87 -16.43 -12.56 3.47
CA ALA D 87 -15.26 -12.61 4.27
C ALA D 87 -15.20 -14.01 4.91
N ALA D 88 -13.98 -14.47 5.19
CA ALA D 88 -13.76 -15.62 6.01
C ALA D 88 -13.69 -15.19 7.46
N TYR D 89 -14.61 -15.69 8.28
CA TYR D 89 -14.79 -15.30 9.71
C TYR D 89 -13.57 -15.67 10.56
N ASN D 90 -12.81 -16.67 10.17
CA ASN D 90 -11.61 -17.10 10.93
C ASN D 90 -10.29 -16.73 10.24
N ALA D 91 -10.33 -15.76 9.31
CA ALA D 91 -9.13 -15.21 8.73
C ALA D 91 -8.39 -14.33 9.73
N ILE D 92 -7.07 -14.43 9.72
CA ILE D 92 -6.22 -13.64 10.58
C ILE D 92 -5.26 -12.77 9.77
N SER D 93 -5.47 -12.71 8.45
CA SER D 93 -4.80 -11.73 7.60
C SER D 93 -5.78 -11.23 6.56
N LYS D 94 -5.52 -10.06 6.00
CA LYS D 94 -6.25 -9.50 4.88
C LYS D 94 -6.09 -10.48 3.72
N PRO D 95 -7.11 -10.65 2.89
CA PRO D 95 -6.95 -11.43 1.67
C PRO D 95 -6.03 -10.67 0.69
N GLU D 96 -4.87 -11.23 0.31
CA GLU D 96 -3.97 -10.61 -0.65
C GLU D 96 -4.41 -11.15 -2.01
N VAL D 97 -5.00 -10.28 -2.85
CA VAL D 97 -5.43 -10.65 -4.20
C VAL D 97 -4.22 -10.64 -5.13
N LEU D 98 -3.92 -11.80 -5.74
CA LEU D 98 -2.70 -11.97 -6.55
C LEU D 98 -2.87 -11.66 -8.01
N THR D 99 -4.12 -11.58 -8.48
CA THR D 99 -4.47 -11.60 -9.88
C THR D 99 -5.12 -10.29 -10.31
N PRO D 100 -5.27 -10.02 -11.63
CA PRO D 100 -5.97 -8.81 -12.10
C PRO D 100 -7.43 -8.80 -11.63
N GLN D 101 -7.89 -7.66 -11.13
CA GLN D 101 -9.18 -7.55 -10.49
C GLN D 101 -10.28 -7.25 -11.47
N LEU D 102 -10.52 -8.23 -12.34
CA LEU D 102 -11.46 -8.16 -13.42
C LEU D 102 -12.45 -9.31 -13.19
N ALA D 103 -13.73 -8.96 -13.30
CA ALA D 103 -14.77 -9.94 -13.40
C ALA D 103 -15.21 -10.08 -14.86
N ARG D 104 -15.92 -11.16 -15.10
CA ARG D 104 -16.56 -11.50 -16.38
C ARG D 104 -18.05 -11.24 -16.23
N VAL D 105 -18.63 -10.46 -17.14
CA VAL D 105 -20.03 -10.18 -17.13
C VAL D 105 -20.63 -10.72 -18.41
N VAL D 106 -21.66 -11.56 -18.25
CA VAL D 106 -22.41 -12.15 -19.35
C VAL D 106 -23.60 -11.26 -19.66
N SER D 107 -24.02 -11.26 -20.91
CA SER D 107 -25.07 -10.36 -21.41
C SER D 107 -26.44 -10.52 -20.73
N ASP D 108 -26.68 -11.66 -20.10
CA ASP D 108 -27.88 -11.84 -19.27
C ASP D 108 -27.71 -11.28 -17.87
N GLY D 109 -26.55 -10.71 -17.56
CA GLY D 109 -26.33 -10.05 -16.30
C GLY D 109 -25.62 -10.90 -15.27
N GLU D 110 -25.22 -12.11 -15.64
CA GLU D 110 -24.44 -12.90 -14.74
C GLU D 110 -22.99 -12.32 -14.60
N VAL D 111 -22.49 -12.31 -13.39
CA VAL D 111 -21.15 -11.87 -13.08
C VAL D 111 -20.34 -13.01 -12.47
N LEU D 112 -19.14 -13.24 -13.01
CA LEU D 112 -18.22 -14.24 -12.51
C LEU D 112 -16.90 -13.55 -12.15
N TYR D 113 -16.51 -13.63 -10.89
CA TYR D 113 -15.23 -13.12 -10.34
C TYR D 113 -14.49 -14.27 -9.65
N MET D 114 -13.27 -14.55 -10.09
CA MET D 114 -12.47 -15.62 -9.53
C MET D 114 -11.06 -15.10 -9.26
N PRO D 115 -10.87 -14.33 -8.16
CA PRO D 115 -9.54 -13.90 -7.77
C PRO D 115 -8.74 -15.05 -7.17
N SER D 116 -7.42 -15.05 -7.40
CA SER D 116 -6.52 -15.88 -6.64
C SER D 116 -6.15 -15.07 -5.40
N ILE D 117 -6.32 -15.70 -4.24
CA ILE D 117 -6.14 -15.06 -2.97
C ILE D 117 -5.17 -15.83 -2.13
N ARG D 118 -4.27 -15.11 -1.49
CA ARG D 118 -3.40 -15.65 -0.42
C ARG D 118 -3.88 -15.10 0.93
N GLN D 119 -4.04 -15.96 1.92
CA GLN D 119 -4.63 -15.58 3.19
C GLN D 119 -4.23 -16.56 4.25
N ARG D 120 -4.13 -16.09 5.50
CA ARG D 120 -3.82 -16.92 6.68
C ARG D 120 -5.10 -17.16 7.49
N PHE D 121 -5.23 -18.36 8.06
CA PHE D 121 -6.37 -18.73 8.86
C PHE D 121 -5.93 -19.38 10.16
N SER D 122 -6.77 -19.21 11.17
CA SER D 122 -6.68 -19.88 12.43
C SER D 122 -7.55 -21.09 12.23
N CYS D 123 -6.98 -22.28 12.37
CA CYS D 123 -7.78 -23.51 12.24
C CYS D 123 -7.06 -24.73 12.79
N ASP D 124 -7.82 -25.82 12.93
CA ASP D 124 -7.31 -27.07 13.48
C ASP D 124 -6.23 -27.65 12.56
N VAL D 125 -4.99 -27.66 13.05
CA VAL D 125 -3.84 -28.12 12.30
C VAL D 125 -3.33 -29.44 12.88
N SER D 126 -3.94 -29.92 13.96
CA SER D 126 -3.47 -31.14 14.60
C SER D 126 -3.64 -32.30 13.62
N GLY D 127 -2.69 -33.24 13.65
CA GLY D 127 -2.66 -34.39 12.80
C GLY D 127 -2.12 -34.19 11.40
N VAL D 128 -1.53 -33.01 11.14
CA VAL D 128 -1.03 -32.67 9.82
C VAL D 128 0.09 -33.60 9.36
N ASP D 129 0.86 -34.16 10.32
CA ASP D 129 1.94 -35.10 10.00
C ASP D 129 1.54 -36.54 10.13
N THR D 130 0.23 -36.82 10.20
CA THR D 130 -0.28 -38.18 10.22
C THR D 130 -0.93 -38.52 8.89
N GLU D 131 -1.32 -39.78 8.73
CA GLU D 131 -1.97 -40.27 7.53
C GLU D 131 -3.39 -39.73 7.34
N SER D 132 -4.15 -39.58 8.43
CA SER D 132 -5.51 -39.04 8.38
C SER D 132 -5.49 -37.56 8.08
N GLY D 133 -4.43 -36.89 8.54
CA GLY D 133 -4.18 -35.50 8.19
C GLY D 133 -4.86 -34.55 9.13
N ALA D 134 -4.68 -33.24 8.88
CA ALA D 134 -5.39 -32.19 9.58
C ALA D 134 -6.61 -31.84 8.75
N THR D 135 -7.63 -31.29 9.43
CA THR D 135 -8.82 -30.77 8.79
C THR D 135 -9.04 -29.33 9.24
N CYS D 136 -8.73 -28.39 8.34
CA CYS D 136 -8.83 -26.97 8.57
C CYS D 136 -10.15 -26.42 8.00
N ARG D 137 -10.98 -25.84 8.87
CA ARG D 137 -12.33 -25.32 8.51
C ARG D 137 -12.28 -23.80 8.29
N ILE D 138 -12.81 -23.33 7.16
CA ILE D 138 -12.90 -21.94 6.84
C ILE D 138 -14.36 -21.61 6.61
N LYS D 139 -14.88 -20.64 7.35
CA LYS D 139 -16.27 -20.21 7.22
C LYS D 139 -16.30 -18.90 6.44
N ILE D 140 -17.03 -18.90 5.33
CA ILE D 140 -17.23 -17.75 4.50
C ILE D 140 -18.67 -17.31 4.41
N GLY D 141 -18.90 -16.01 4.62
CA GLY D 141 -20.20 -15.39 4.53
C GLY D 141 -20.15 -13.90 4.30
N SER D 142 -21.32 -13.29 4.14
CA SER D 142 -21.49 -11.86 4.02
C SER D 142 -21.19 -11.23 5.34
N TRP D 143 -20.42 -10.14 5.31
CA TRP D 143 -20.07 -9.40 6.52
C TRP D 143 -21.27 -8.63 7.12
N THR D 144 -22.17 -8.14 6.25
CA THR D 144 -23.30 -7.26 6.67
C THR D 144 -24.72 -7.64 6.24
N HIS D 145 -24.84 -8.61 5.34
CA HIS D 145 -26.15 -8.95 4.76
C HIS D 145 -26.65 -10.28 5.26
N HIS D 146 -27.91 -10.34 5.63
CA HIS D 146 -28.59 -11.59 5.90
C HIS D 146 -29.08 -12.28 4.60
N SER D 147 -29.65 -13.48 4.77
CA SER D 147 -30.03 -14.35 3.67
C SER D 147 -31.17 -13.86 2.77
N ARG D 148 -31.96 -12.88 3.20
CA ARG D 148 -33.00 -12.27 2.31
C ARG D 148 -32.37 -11.16 1.43
N GLU D 149 -31.11 -10.79 1.66
CA GLU D 149 -30.40 -9.85 0.80
C GLU D 149 -29.35 -10.56 -0.04
N ILE D 150 -28.54 -11.42 0.60
CA ILE D 150 -27.60 -12.28 -0.10
C ILE D 150 -27.73 -13.72 0.39
N SER D 151 -27.94 -14.67 -0.53
CA SER D 151 -27.88 -16.10 -0.22
C SER D 151 -26.57 -16.62 -0.79
N VAL D 152 -25.92 -17.50 -0.03
CA VAL D 152 -24.63 -18.02 -0.41
C VAL D 152 -24.79 -19.51 -0.55
N ASP D 153 -24.38 -20.05 -1.69
CA ASP D 153 -24.34 -21.49 -1.89
C ASP D 153 -22.97 -21.98 -2.36
N PRO D 154 -22.55 -23.17 -1.92
CA PRO D 154 -21.41 -23.86 -2.50
C PRO D 154 -21.70 -24.34 -3.93
N THR D 155 -20.82 -25.19 -4.44
CA THR D 155 -20.69 -25.65 -5.82
C THR D 155 -20.15 -27.08 -5.65
N GLU D 157 -19.10 -29.07 -3.57
CA GLU D 157 -19.46 -29.96 -2.42
C GLU D 157 -18.27 -30.82 -1.99
N ASN D 158 -17.73 -31.60 -2.94
CA ASN D 158 -16.40 -32.22 -2.78
C ASN D 158 -15.78 -32.76 -4.02
N ASP D 161 -10.04 -31.41 -6.21
CA ASP D 161 -8.82 -31.12 -5.49
C ASP D 161 -7.64 -31.12 -6.52
N SER D 162 -7.45 -32.32 -7.04
CA SER D 162 -6.26 -32.72 -7.77
C SER D 162 -6.02 -31.88 -9.00
N GLU D 163 -7.09 -31.34 -9.59
CA GLU D 163 -7.00 -30.57 -10.81
C GLU D 163 -6.44 -29.16 -10.60
N TYR D 164 -6.42 -28.66 -9.35
CA TYR D 164 -6.01 -27.27 -9.04
C TYR D 164 -4.70 -27.22 -8.23
N PHE D 165 -4.53 -28.17 -7.32
CA PHE D 165 -3.51 -28.08 -6.29
C PHE D 165 -2.11 -28.34 -6.83
N SER D 166 -1.16 -27.50 -6.44
CA SER D 166 0.22 -27.62 -6.90
C SER D 166 0.79 -28.97 -6.50
N GLN D 167 1.32 -29.69 -7.48
CA GLN D 167 2.00 -30.94 -7.16
C GLN D 167 3.31 -30.69 -6.40
N TYR D 168 3.73 -29.43 -6.28
CA TYR D 168 5.06 -29.09 -5.71
C TYR D 168 4.95 -28.68 -4.25
N SER D 169 3.73 -28.47 -3.74
CA SER D 169 3.55 -28.20 -2.31
C SER D 169 4.15 -29.30 -1.46
N ARG D 170 4.55 -28.96 -0.23
CA ARG D 170 5.03 -29.91 0.80
C ARG D 170 3.85 -30.76 1.28
N PHE D 171 2.63 -30.23 1.06
CA PHE D 171 1.40 -30.84 1.51
C PHE D 171 0.67 -31.46 0.35
N GLU D 172 -0.22 -32.40 0.67
CA GLU D 172 -1.19 -32.94 -0.28
C GLU D 172 -2.58 -32.84 0.30
N ILE D 173 -3.54 -32.63 -0.59
CA ILE D 173 -4.93 -32.54 -0.23
C ILE D 173 -5.57 -33.90 -0.29
N LEU D 174 -6.20 -34.31 0.81
CA LEU D 174 -6.95 -35.55 0.89
C LEU D 174 -8.38 -35.33 0.44
N ASP D 175 -8.98 -34.21 0.84
CA ASP D 175 -10.38 -33.94 0.56
C ASP D 175 -10.75 -32.51 0.89
N VAL D 176 -11.65 -31.94 0.09
CA VAL D 176 -12.21 -30.62 0.33
C VAL D 176 -13.70 -30.77 0.27
N THR D 177 -14.38 -30.35 1.33
CA THR D 177 -15.81 -30.38 1.44
C THR D 177 -16.28 -28.94 1.63
N GLN D 178 -17.36 -28.57 0.94
CA GLN D 178 -17.92 -27.21 0.95
C GLN D 178 -19.40 -27.36 1.15
N LYS D 179 -19.88 -26.91 2.32
CA LYS D 179 -21.27 -27.08 2.73
C LYS D 179 -21.89 -25.76 3.17
N LYS D 180 -23.17 -25.60 2.86
CA LYS D 180 -23.98 -24.49 3.34
C LYS D 180 -24.43 -24.79 4.75
N ASN D 181 -24.33 -23.77 5.64
CA ASN D 181 -25.02 -23.69 6.91
C ASN D 181 -25.96 -22.52 6.88
N SER D 182 -27.19 -22.74 7.34
CA SER D 182 -28.19 -21.70 7.51
C SER D 182 -28.62 -21.84 8.96
N VAL D 183 -28.53 -20.73 9.68
CA VAL D 183 -28.94 -20.68 11.05
C VAL D 183 -30.03 -19.61 11.18
N THR D 184 -31.01 -19.92 12.01
CA THR D 184 -32.01 -18.99 12.43
C THR D 184 -31.88 -18.91 13.93
N TYR D 185 -31.79 -17.69 14.44
CA TYR D 185 -31.70 -17.42 15.90
C TYR D 185 -33.09 -17.11 16.44
N SER D 186 -33.34 -17.44 17.71
CA SER D 186 -34.60 -17.15 18.34
C SER D 186 -34.95 -15.67 18.30
N CYS D 187 -33.96 -14.79 18.49
CA CYS D 187 -34.19 -13.33 18.49
C CYS D 187 -34.78 -12.75 17.22
N CYS D 188 -34.42 -13.34 16.08
CA CYS D 188 -34.37 -12.63 14.80
C CYS D 188 -34.98 -13.50 13.72
N PRO D 189 -35.95 -12.98 12.92
CA PRO D 189 -36.73 -13.84 12.03
C PRO D 189 -35.93 -14.37 10.81
N GLU D 190 -35.06 -13.52 10.22
CA GLU D 190 -34.25 -13.89 9.07
C GLU D 190 -33.12 -14.88 9.39
N ALA D 191 -32.65 -15.55 8.35
CA ALA D 191 -31.61 -16.59 8.45
C ALA D 191 -30.23 -16.03 8.08
N TYR D 192 -29.18 -16.63 8.67
CA TYR D 192 -27.78 -16.28 8.42
C TYR D 192 -27.08 -17.52 7.84
N GLU D 193 -26.43 -17.32 6.69
CA GLU D 193 -25.83 -18.36 5.91
C GLU D 193 -24.34 -18.18 5.93
N ASP D 194 -23.65 -19.30 5.78
CA ASP D 194 -22.27 -19.32 5.40
C ASP D 194 -21.94 -20.61 4.70
N VAL D 195 -20.78 -20.61 4.05
CA VAL D 195 -20.25 -21.77 3.42
C VAL D 195 -19.06 -22.20 4.25
N GLU D 196 -19.10 -23.46 4.70
CA GLU D 196 -18.04 -24.05 5.48
C GLU D 196 -17.20 -24.89 4.54
N VAL D 197 -15.92 -24.50 4.41
CA VAL D 197 -14.96 -25.23 3.62
C VAL D 197 -14.09 -26.03 4.58
N SER D 198 -14.07 -27.35 4.39
CA SER D 198 -13.22 -28.24 5.18
C SER D 198 -12.12 -28.75 4.29
N LEU D 199 -10.90 -28.37 4.66
CA LEU D 199 -9.69 -28.68 3.90
C LEU D 199 -8.95 -29.72 4.70
N ASN D 200 -9.01 -30.96 4.21
CA ASN D 200 -8.36 -32.11 4.83
C ASN D 200 -7.06 -32.35 4.03
N PHE D 201 -5.91 -32.20 4.71
CA PHE D 201 -4.62 -32.19 4.05
C PHE D 201 -3.56 -32.73 5.00
N ARG D 202 -2.41 -33.13 4.46
CA ARG D 202 -1.28 -33.64 5.28
C ARG D 202 0.07 -33.35 4.61
N LYS D 203 1.14 -33.42 5.40
CA LYS D 203 2.51 -33.29 4.91
C LYS D 203 2.74 -34.54 4.12
N LYS D 204 3.36 -34.41 2.96
CA LYS D 204 3.75 -35.57 2.17
C LYS D 204 4.84 -36.36 2.87
N GLY D 205 4.86 -37.67 2.66
CA GLY D 205 6.00 -38.51 3.02
C GLY D 205 7.24 -38.03 2.27
N LEU E 1 -38.93 5.72 -2.05
CA LEU E 1 -37.53 5.43 -1.84
C LEU E 1 -37.19 3.99 -2.12
N ASP E 2 -36.22 3.80 -3.01
CA ASP E 2 -35.62 2.49 -3.21
C ASP E 2 -34.24 2.58 -2.57
N ARG E 3 -33.53 1.45 -2.57
CA ARG E 3 -32.21 1.30 -1.93
C ARG E 3 -31.21 2.26 -2.60
N ALA E 4 -31.29 2.44 -3.90
CA ALA E 4 -30.36 3.30 -4.62
C ALA E 4 -30.49 4.77 -4.10
N ASP E 5 -31.72 5.24 -3.94
CA ASP E 5 -32.00 6.55 -3.40
C ASP E 5 -31.43 6.73 -2.03
N ILE E 6 -31.67 5.74 -1.15
CA ILE E 6 -31.22 5.85 0.22
C ILE E 6 -29.70 5.97 0.24
N LEU E 7 -29.02 5.13 -0.55
CA LEU E 7 -27.58 5.10 -0.57
C LEU E 7 -27.03 6.42 -1.10
N TYR E 8 -27.66 6.94 -2.16
CA TYR E 8 -27.31 8.26 -2.74
C TYR E 8 -27.45 9.33 -1.65
N ASN E 9 -28.60 9.37 -0.96
CA ASN E 9 -28.84 10.36 0.05
C ASN E 9 -27.86 10.27 1.19
N ILE E 10 -27.50 9.06 1.60
CA ILE E 10 -26.54 8.91 2.68
C ILE E 10 -25.17 9.43 2.27
N ARG E 11 -24.75 9.10 1.05
CA ARG E 11 -23.43 9.51 0.49
C ARG E 11 -23.40 11.04 0.39
N GLN E 12 -24.51 11.68 0.00
CA GLN E 12 -24.59 13.13 -0.08
C GLN E 12 -24.65 13.86 1.21
N THR E 13 -25.14 13.22 2.26
CA THR E 13 -25.50 13.87 3.52
C THR E 13 -24.44 13.63 4.56
N SER E 14 -24.00 12.37 4.69
CA SER E 14 -22.85 12.07 5.52
C SER E 14 -21.60 12.70 4.88
N ARG E 15 -20.82 13.41 5.70
CA ARG E 15 -19.60 14.15 5.33
C ARG E 15 -18.53 13.56 6.22
N PRO E 16 -17.60 12.73 5.71
CA PRO E 16 -16.53 12.16 6.52
C PRO E 16 -15.69 13.18 7.32
N ASP E 17 -15.68 14.45 6.93
CA ASP E 17 -14.94 15.47 7.66
C ASP E 17 -15.79 16.27 8.64
N VAL E 18 -17.06 15.91 8.79
CA VAL E 18 -18.01 16.66 9.60
C VAL E 18 -18.70 15.79 10.64
N ILE E 19 -18.32 15.97 11.89
CA ILE E 19 -18.89 15.25 13.00
C ILE E 19 -20.38 15.59 13.05
N PRO E 20 -21.28 14.58 13.10
CA PRO E 20 -22.70 14.88 13.04
C PRO E 20 -23.31 15.22 14.41
N THR E 21 -22.79 16.24 15.10
CA THR E 21 -23.39 16.68 16.34
C THR E 21 -24.72 17.33 16.00
N GLN E 22 -25.71 17.12 16.88
CA GLN E 22 -27.04 17.70 16.73
C GLN E 22 -27.28 18.62 17.93
N ARG E 23 -27.50 19.92 17.65
CA ARG E 23 -27.73 21.04 18.63
C ARG E 23 -26.56 21.09 19.63
N ASP E 24 -25.31 20.91 19.15
CA ASP E 24 -24.10 20.94 19.99
C ASP E 24 -24.04 19.94 21.18
N ARG E 25 -24.88 18.90 21.13
CA ARG E 25 -24.77 17.70 21.99
C ARG E 25 -23.64 16.84 21.41
N PRO E 26 -22.93 16.06 22.23
CA PRO E 26 -21.92 15.15 21.68
C PRO E 26 -22.57 14.06 20.81
N VAL E 27 -21.82 13.47 19.90
CA VAL E 27 -22.22 12.26 19.23
C VAL E 27 -21.88 11.13 20.20
N ALA E 28 -22.91 10.40 20.62
CA ALA E 28 -22.73 9.25 21.52
C ALA E 28 -22.25 8.05 20.71
N VAL E 29 -21.01 7.62 20.96
CA VAL E 29 -20.43 6.48 20.30
C VAL E 29 -20.26 5.34 21.27
N SER E 30 -20.67 4.13 20.88
CA SER E 30 -20.47 2.93 21.69
C SER E 30 -19.34 2.20 21.01
N VAL E 31 -18.48 1.60 21.83
CA VAL E 31 -17.42 0.78 21.31
C VAL E 31 -17.30 -0.44 22.20
N SER E 32 -17.15 -1.59 21.57
CA SER E 32 -17.08 -2.87 22.24
C SER E 32 -16.20 -3.82 21.44
N LEU E 33 -15.11 -4.27 22.05
CA LEU E 33 -14.17 -5.17 21.39
C LEU E 33 -14.62 -6.60 21.65
N LYS E 34 -14.78 -7.41 20.60
CA LYS E 34 -14.97 -8.82 20.73
C LYS E 34 -13.74 -9.54 20.25
N PHE E 35 -13.05 -10.21 21.18
CA PHE E 35 -11.78 -10.86 20.86
C PHE E 35 -11.99 -12.17 20.14
N ILE E 36 -11.27 -12.33 19.02
CA ILE E 36 -11.36 -13.50 18.19
C ILE E 36 -10.18 -14.41 18.32
N ASN E 37 -9.00 -13.79 18.44
CA ASN E 37 -7.78 -14.55 18.59
C ASN E 37 -6.65 -13.75 19.22
N ILE E 38 -5.75 -14.44 19.88
CA ILE E 38 -4.48 -13.94 20.34
C ILE E 38 -3.46 -14.78 19.63
N LEU E 39 -2.68 -14.16 18.74
CA LEU E 39 -1.83 -14.85 17.78
C LEU E 39 -0.43 -14.98 18.25
N GLU E 40 0.10 -13.94 18.90
CA GLU E 40 1.46 -13.96 19.38
C GLU E 40 1.51 -13.11 20.63
N VAL E 41 2.34 -13.53 21.56
CA VAL E 41 2.49 -12.88 22.82
C VAL E 41 3.98 -12.93 23.11
N ASN E 42 4.53 -11.85 23.65
CA ASN E 42 5.92 -11.84 24.05
C ASN E 42 6.06 -11.28 25.46
N GLU E 43 6.45 -12.14 26.41
CA GLU E 43 6.53 -11.74 27.80
C GLU E 43 7.79 -10.92 28.07
N ILE E 44 8.82 -11.08 27.22
CA ILE E 44 10.05 -10.27 27.32
C ILE E 44 9.80 -8.80 26.87
N THR E 45 9.18 -8.62 25.69
CA THR E 45 8.94 -7.28 25.13
C THR E 45 7.61 -6.65 25.53
N ASN E 46 6.79 -7.38 26.29
CA ASN E 46 5.41 -6.97 26.63
C ASN E 46 4.59 -6.51 25.43
N GLU E 47 4.52 -7.37 24.40
CA GLU E 47 3.72 -7.11 23.23
C GLU E 47 2.76 -8.27 22.96
N VAL E 48 1.55 -7.92 22.48
CA VAL E 48 0.61 -8.93 22.03
C VAL E 48 0.13 -8.56 20.65
N ASP E 49 -0.20 -9.59 19.86
CA ASP E 49 -0.79 -9.44 18.55
C ASP E 49 -2.16 -10.13 18.63
N VAL E 50 -3.22 -9.36 18.39
CA VAL E 50 -4.58 -9.82 18.59
C VAL E 50 -5.47 -9.52 17.40
N VAL E 51 -6.52 -10.31 17.25
CA VAL E 51 -7.59 -10.08 16.31
C VAL E 51 -8.87 -9.92 17.08
N PHE E 52 -9.61 -8.83 16.78
CA PHE E 52 -10.87 -8.52 17.44
C PHE E 52 -11.82 -7.85 16.49
N TRP E 53 -13.13 -8.03 16.74
CA TRP E 53 -14.15 -7.25 16.09
C TRP E 53 -14.39 -5.99 16.93
N GLN E 54 -14.30 -4.83 16.29
CA GLN E 54 -14.47 -3.56 16.98
C GLN E 54 -15.85 -3.03 16.69
N GLN E 55 -16.82 -3.47 17.50
CA GLN E 55 -18.16 -2.99 17.29
C GLN E 55 -18.25 -1.51 17.70
N THR E 56 -18.61 -0.68 16.74
CA THR E 56 -18.72 0.75 16.90
C THR E 56 -20.11 1.18 16.43
N THR E 57 -20.84 1.91 17.28
CA THR E 57 -22.17 2.38 16.87
C THR E 57 -22.38 3.82 17.29
N TRP E 58 -23.17 4.52 16.50
CA TRP E 58 -23.52 5.89 16.76
C TRP E 58 -24.70 6.22 15.88
N SER E 59 -25.18 7.46 16.00
CA SER E 59 -26.40 7.91 15.37
C SER E 59 -26.05 9.17 14.59
N ASP E 60 -26.58 9.27 13.37
CA ASP E 60 -26.65 10.53 12.64
C ASP E 60 -28.06 10.65 12.13
N ARG E 61 -28.90 11.37 12.85
CA ARG E 61 -30.35 11.58 12.58
C ARG E 61 -30.58 12.15 11.17
N THR E 62 -29.63 12.88 10.60
CA THR E 62 -29.79 13.41 9.25
C THR E 62 -29.78 12.31 8.17
N LEU E 63 -29.28 11.12 8.50
CA LEU E 63 -29.30 9.98 7.58
C LEU E 63 -30.66 9.26 7.56
N ALA E 64 -31.51 9.53 8.54
CA ALA E 64 -32.81 8.87 8.67
C ALA E 64 -33.67 9.04 7.45
N TRP E 65 -34.50 8.03 7.20
CA TRP E 65 -35.44 8.06 6.09
C TRP E 65 -36.69 7.35 6.55
N ASN E 66 -37.79 7.59 5.83
CA ASN E 66 -39.02 6.91 6.08
C ASN E 66 -38.99 5.51 5.47
N SER E 67 -39.16 4.50 6.31
CA SER E 67 -38.97 3.11 5.87
C SER E 67 -40.25 2.25 5.68
N SER E 68 -41.44 2.88 5.69
CA SER E 68 -42.71 2.19 5.43
C SER E 68 -42.80 1.38 4.14
N HIS E 69 -42.39 2.00 3.04
CA HIS E 69 -42.39 1.37 1.74
C HIS E 69 -40.97 1.30 1.18
N SER E 70 -40.00 1.05 2.07
CA SER E 70 -38.58 1.08 1.74
C SER E 70 -37.85 0.08 2.62
N PRO E 71 -36.61 -0.33 2.25
CA PRO E 71 -35.77 -1.09 3.20
C PRO E 71 -35.55 -0.30 4.49
N ASP E 72 -35.54 -0.99 5.63
CA ASP E 72 -35.30 -0.40 6.97
C ASP E 72 -33.82 -0.23 7.34
N GLN E 73 -32.96 -0.87 6.54
CA GLN E 73 -31.52 -0.79 6.70
C GLN E 73 -30.86 -0.95 5.35
N VAL E 74 -29.65 -0.42 5.23
CA VAL E 74 -28.77 -0.68 4.12
C VAL E 74 -27.33 -0.79 4.58
N SER E 75 -26.52 -1.43 3.74
CA SER E 75 -25.09 -1.56 3.94
C SER E 75 -24.48 -0.42 3.12
N VAL E 76 -23.52 0.29 3.73
CA VAL E 76 -22.94 1.48 3.16
C VAL E 76 -21.43 1.43 3.33
N PRO E 77 -20.63 1.72 2.29
CA PRO E 77 -19.18 1.76 2.45
C PRO E 77 -18.82 2.87 3.44
N ILE E 78 -17.92 2.61 4.38
CA ILE E 78 -17.56 3.63 5.36
C ILE E 78 -16.89 4.86 4.79
N SER E 79 -16.35 4.75 3.58
CA SER E 79 -15.76 5.89 2.93
C SER E 79 -16.82 6.95 2.59
N SER E 80 -18.10 6.58 2.57
CA SER E 80 -19.18 7.52 2.38
C SER E 80 -19.69 8.15 3.69
N LEU E 81 -19.17 7.70 4.84
CA LEU E 81 -19.67 8.10 6.14
C LEU E 81 -18.60 8.80 6.98
N TRP E 82 -19.05 9.72 7.85
CA TRP E 82 -18.29 10.07 9.02
C TRP E 82 -18.18 8.85 9.89
N VAL E 83 -16.96 8.59 10.38
CA VAL E 83 -16.70 7.55 11.37
C VAL E 83 -15.96 8.24 12.50
N PRO E 84 -16.14 7.84 13.75
CA PRO E 84 -15.40 8.43 14.86
C PRO E 84 -13.89 8.16 14.76
N ASP E 85 -13.08 9.15 15.18
CA ASP E 85 -11.62 9.05 15.09
C ASP E 85 -11.02 8.28 16.26
N LEU E 86 -11.51 7.06 16.49
CA LEU E 86 -11.07 6.27 17.62
C LEU E 86 -9.69 5.64 17.33
N ALA E 87 -8.87 5.58 18.37
CA ALA E 87 -7.56 4.98 18.29
C ALA E 87 -7.28 4.33 19.62
N ALA E 88 -6.45 3.28 19.57
CA ALA E 88 -5.91 2.70 20.78
C ALA E 88 -4.61 3.39 21.08
N TYR E 89 -4.53 4.02 22.25
CA TYR E 89 -3.40 4.88 22.68
C TYR E 89 -2.11 4.07 22.86
N ASN E 90 -2.22 2.79 23.16
CA ASN E 90 -1.05 1.92 23.37
C ASN E 90 -0.82 0.92 22.22
N ALA E 91 -1.39 1.21 21.05
CA ALA E 91 -1.11 0.44 19.84
C ALA E 91 0.28 0.76 19.32
N ILE E 92 0.97 -0.27 18.85
CA ILE E 92 2.28 -0.15 18.27
C ILE E 92 2.29 -0.60 16.82
N SER E 93 1.12 -0.82 16.24
CA SER E 93 0.97 -1.08 14.81
C SER E 93 -0.31 -0.44 14.32
N LYS E 94 -0.39 -0.20 13.00
CA LYS E 94 -1.61 0.25 12.35
C LYS E 94 -2.67 -0.81 12.59
N PRO E 95 -3.94 -0.44 12.78
CA PRO E 95 -5.01 -1.44 12.77
C PRO E 95 -5.17 -2.03 11.37
N GLU E 96 -4.93 -3.33 11.14
CA GLU E 96 -5.08 -3.96 9.83
C GLU E 96 -6.54 -4.43 9.80
N VAL E 97 -7.38 -3.77 8.98
CA VAL E 97 -8.77 -4.14 8.79
C VAL E 97 -8.84 -5.35 7.85
N LEU E 98 -9.39 -6.48 8.34
CA LEU E 98 -9.39 -7.75 7.58
C LEU E 98 -10.60 -7.93 6.71
N THR E 99 -11.65 -7.13 6.93
CA THR E 99 -12.97 -7.37 6.42
C THR E 99 -13.42 -6.30 5.44
N PRO E 100 -14.49 -6.55 4.66
CA PRO E 100 -15.09 -5.51 3.82
C PRO E 100 -15.54 -4.30 4.65
N GLN E 101 -15.22 -3.10 4.16
CA GLN E 101 -15.40 -1.89 4.93
C GLN E 101 -16.76 -1.30 4.72
N LEU E 102 -17.77 -2.04 5.19
CA LEU E 102 -19.17 -1.69 5.06
C LEU E 102 -19.75 -1.56 6.45
N ALA E 103 -20.46 -0.45 6.68
CA ALA E 103 -21.31 -0.29 7.83
C ALA E 103 -22.74 -0.59 7.46
N ARG E 104 -23.53 -0.86 8.50
CA ARG E 104 -25.00 -1.02 8.40
C ARG E 104 -25.64 0.27 8.93
N VAL E 105 -26.54 0.85 8.14
CA VAL E 105 -27.25 2.05 8.54
C VAL E 105 -28.73 1.71 8.61
N VAL E 106 -29.32 2.01 9.75
CA VAL E 106 -30.73 1.77 10.00
C VAL E 106 -31.49 3.07 9.70
N SER E 107 -32.76 2.93 9.29
CA SER E 107 -33.58 4.03 8.85
C SER E 107 -33.82 5.13 9.85
N ASP E 108 -33.62 4.84 11.14
CA ASP E 108 -33.66 5.88 12.17
C ASP E 108 -32.32 6.63 12.32
N GLY E 109 -31.33 6.27 11.50
CA GLY E 109 -30.08 7.01 11.49
C GLY E 109 -28.97 6.39 12.30
N GLU E 110 -29.23 5.22 12.88
CA GLU E 110 -28.18 4.52 13.57
C GLU E 110 -27.20 3.92 12.56
N VAL E 111 -25.91 4.00 12.88
CA VAL E 111 -24.85 3.39 12.09
C VAL E 111 -24.13 2.37 12.94
N LEU E 112 -23.92 1.18 12.39
CA LEU E 112 -23.16 0.12 13.05
C LEU E 112 -22.07 -0.36 12.12
N TYR E 113 -20.84 -0.26 12.60
CA TYR E 113 -19.61 -0.68 11.88
C TYR E 113 -18.83 -1.61 12.82
N MET E 114 -18.59 -2.83 12.36
CA MET E 114 -17.90 -3.82 13.13
C MET E 114 -16.85 -4.49 12.26
N PRO E 115 -15.70 -3.82 12.04
CA PRO E 115 -14.60 -4.40 11.30
C PRO E 115 -13.87 -5.42 12.17
N SER E 116 -13.32 -6.45 11.52
CA SER E 116 -12.36 -7.31 12.17
C SER E 116 -10.99 -6.66 11.98
N ILE E 117 -10.29 -6.50 13.08
CA ILE E 117 -9.03 -5.78 13.10
C ILE E 117 -7.96 -6.65 13.73
N ARG E 118 -6.81 -6.69 13.08
CA ARG E 118 -5.57 -7.25 13.66
C ARG E 118 -4.63 -6.09 14.05
N GLN E 119 -4.08 -6.11 15.24
CA GLN E 119 -3.29 -5.03 15.77
C GLN E 119 -2.40 -5.52 16.88
N ARG E 120 -1.24 -4.87 17.04
CA ARG E 120 -0.25 -5.17 18.11
C ARG E 120 -0.32 -4.08 19.17
N PHE E 121 -0.15 -4.48 20.44
CA PHE E 121 -0.21 -3.57 21.56
C PHE E 121 0.96 -3.82 22.50
N SER E 122 1.34 -2.75 23.19
CA SER E 122 2.29 -2.79 24.26
C SER E 122 1.41 -2.89 25.47
N CYS E 123 1.61 -3.93 26.27
CA CYS E 123 0.79 -4.10 27.50
C CYS E 123 1.39 -5.16 28.42
N ASP E 124 0.84 -5.19 29.64
CA ASP E 124 1.31 -6.11 30.67
C ASP E 124 1.02 -7.57 30.26
N VAL E 125 2.09 -8.32 30.00
CA VAL E 125 2.02 -9.70 29.57
C VAL E 125 2.47 -10.64 30.67
N SER E 126 2.92 -10.09 31.80
CA SER E 126 3.47 -10.91 32.88
C SER E 126 2.33 -11.79 33.40
N GLY E 127 2.69 -13.04 33.77
CA GLY E 127 1.77 -14.02 34.31
C GLY E 127 0.96 -14.79 33.28
N VAL E 128 1.30 -14.63 32.00
CA VAL E 128 0.58 -15.27 30.92
C VAL E 128 0.63 -16.80 31.02
N ASP E 129 1.71 -17.33 31.59
CA ASP E 129 1.87 -18.78 31.77
C ASP E 129 1.44 -19.29 33.12
N THR E 130 0.72 -18.46 33.90
CA THR E 130 0.18 -18.86 35.19
C THR E 130 -1.32 -19.05 35.09
N GLU E 131 -1.93 -19.53 36.17
CA GLU E 131 -3.37 -19.75 36.24
C GLU E 131 -4.19 -18.45 36.27
N SER E 132 -3.67 -17.42 36.96
CA SER E 132 -4.33 -16.10 37.05
C SER E 132 -4.27 -15.40 35.70
N GLY E 133 -3.19 -15.65 34.96
CA GLY E 133 -3.03 -15.15 33.62
C GLY E 133 -2.45 -13.75 33.60
N ALA E 134 -2.30 -13.22 32.38
CA ALA E 134 -1.90 -11.85 32.16
C ALA E 134 -3.18 -11.03 31.97
N THR E 135 -3.06 -9.73 32.25
CA THR E 135 -4.11 -8.77 32.00
C THR E 135 -3.57 -7.63 31.13
N CYS E 136 -3.94 -7.65 29.85
CA CYS E 136 -3.51 -6.68 28.86
C CYS E 136 -4.59 -5.61 28.69
N ARG E 137 -4.24 -4.35 28.99
CA ARG E 137 -5.19 -3.19 28.98
C ARG E 137 -4.99 -2.40 27.69
N ILE E 138 -6.08 -2.13 26.97
CA ILE E 138 -6.06 -1.39 25.73
C ILE E 138 -7.00 -0.22 25.93
N LYS E 139 -6.47 0.99 25.76
CA LYS E 139 -7.19 2.23 25.98
C LYS E 139 -7.58 2.80 24.63
N ILE E 140 -8.89 2.98 24.42
CA ILE E 140 -9.43 3.47 23.20
C ILE E 140 -10.20 4.74 23.43
N GLY E 141 -9.94 5.74 22.57
CA GLY E 141 -10.60 7.02 22.61
C GLY E 141 -10.47 7.78 21.33
N SER E 142 -11.14 8.94 21.29
CA SER E 142 -11.08 9.85 20.18
C SER E 142 -9.71 10.47 20.17
N TRP E 143 -9.10 10.54 18.98
CA TRP E 143 -7.78 11.13 18.82
C TRP E 143 -7.80 12.64 18.95
N THR E 144 -8.91 13.28 18.55
CA THR E 144 -8.96 14.79 18.51
C THR E 144 -10.15 15.47 19.18
N HIS E 145 -11.15 14.68 19.59
CA HIS E 145 -12.39 15.25 20.14
C HIS E 145 -12.47 15.01 21.64
N HIS E 146 -12.86 16.03 22.39
CA HIS E 146 -13.26 15.90 23.75
C HIS E 146 -14.73 15.41 23.91
N SER E 147 -15.15 15.21 25.16
CA SER E 147 -16.42 14.59 25.50
C SER E 147 -17.68 15.39 25.17
N ARG E 148 -17.55 16.70 24.92
CA ARG E 148 -18.72 17.50 24.44
C ARG E 148 -18.89 17.37 22.92
N GLU E 149 -17.94 16.75 22.22
CA GLU E 149 -18.09 16.48 20.79
C GLU E 149 -18.35 15.01 20.51
N ILE E 150 -17.56 14.15 21.14
CA ILE E 150 -17.80 12.69 21.08
C ILE E 150 -17.76 12.11 22.49
N SER E 151 -18.83 11.38 22.86
CA SER E 151 -18.80 10.56 24.09
C SER E 151 -18.60 9.12 23.69
N VAL E 152 -17.74 8.42 24.42
CA VAL E 152 -17.43 7.04 24.11
C VAL E 152 -17.89 6.22 25.28
N ASP E 153 -18.70 5.20 25.01
CA ASP E 153 -19.24 4.32 26.02
C ASP E 153 -19.00 2.86 25.67
N PRO E 154 -18.74 2.02 26.69
CA PRO E 154 -18.44 0.63 26.48
C PRO E 154 -19.50 -0.35 25.99
N THR E 155 -20.80 -0.12 26.13
CA THR E 155 -21.77 -1.33 25.88
C THR E 155 -21.89 -2.34 27.02
N THR E 156 -21.36 -3.55 26.91
CA THR E 156 -21.24 -4.49 28.01
C THR E 156 -19.94 -4.28 28.80
N GLU E 157 -20.03 -4.26 30.12
CA GLU E 157 -18.85 -4.08 30.96
C GLU E 157 -18.06 -5.40 31.09
N ASN E 158 -18.77 -6.53 31.07
CA ASN E 158 -18.25 -7.84 31.42
C ASN E 158 -18.63 -8.98 30.48
N SER E 159 -17.63 -9.73 30.04
CA SER E 159 -17.80 -10.84 29.11
C SER E 159 -16.64 -11.86 29.19
N ASP E 160 -16.94 -13.11 28.88
CA ASP E 160 -15.90 -14.13 28.71
C ASP E 160 -15.56 -14.28 27.24
N ASP E 161 -16.36 -13.68 26.33
CA ASP E 161 -16.20 -13.83 24.88
C ASP E 161 -16.16 -15.25 24.37
N SER E 162 -16.73 -16.20 25.09
CA SER E 162 -16.71 -17.62 24.71
C SER E 162 -17.33 -17.88 23.33
N GLU E 163 -18.30 -17.05 22.96
CA GLU E 163 -18.99 -17.17 21.70
C GLU E 163 -18.17 -16.65 20.50
N TYR E 164 -17.12 -15.86 20.74
CA TYR E 164 -16.32 -15.19 19.67
C TYR E 164 -14.92 -15.80 19.53
N PHE E 165 -14.29 -16.15 20.65
CA PHE E 165 -12.89 -16.48 20.68
C PHE E 165 -12.57 -17.85 20.08
N SER E 166 -11.55 -17.91 19.23
CA SER E 166 -11.19 -19.12 18.54
C SER E 166 -10.80 -20.20 19.52
N GLN E 167 -11.42 -21.36 19.39
CA GLN E 167 -11.01 -22.52 20.16
C GLN E 167 -9.61 -23.00 19.77
N TYR E 168 -9.04 -22.46 18.70
CA TYR E 168 -7.75 -22.98 18.15
C TYR E 168 -6.58 -22.12 18.61
N SER E 169 -6.82 -20.96 19.21
CA SER E 169 -5.75 -20.18 19.82
C SER E 169 -4.99 -21.00 20.84
N ARG E 170 -3.71 -20.67 21.03
CA ARG E 170 -2.84 -21.26 22.08
C ARG E 170 -3.28 -20.70 23.43
N PHE E 171 -4.00 -19.58 23.40
CA PHE E 171 -4.42 -18.88 24.60
C PHE E 171 -5.90 -19.08 24.83
N GLU E 172 -6.33 -18.87 26.08
CA GLU E 172 -7.73 -18.79 26.43
C GLU E 172 -8.02 -17.50 27.18
N ILE E 173 -9.24 -17.01 26.98
CA ILE E 173 -9.72 -15.83 27.65
C ILE E 173 -10.37 -16.17 28.97
N LEU E 174 -9.89 -15.56 30.05
CA LEU E 174 -10.49 -15.70 31.36
C LEU E 174 -11.59 -14.67 31.56
N ASP E 175 -11.37 -13.43 31.07
CA ASP E 175 -12.29 -12.34 31.32
C ASP E 175 -11.94 -11.12 30.48
N VAL E 176 -12.97 -10.39 30.05
CA VAL E 176 -12.83 -9.15 29.33
C VAL E 176 -13.70 -8.14 30.05
N THR E 177 -13.10 -7.01 30.43
CA THR E 177 -13.79 -5.92 31.07
C THR E 177 -13.59 -4.70 30.20
N GLN E 178 -14.65 -3.92 30.03
CA GLN E 178 -14.65 -2.71 29.18
C GLN E 178 -15.29 -1.61 30.01
N LYS E 179 -14.49 -0.62 30.42
CA LYS E 179 -14.95 0.42 31.31
C LYS E 179 -14.62 1.80 30.80
N LYS E 180 -15.54 2.73 31.02
CA LYS E 180 -15.34 4.12 30.71
C LYS E 180 -14.52 4.79 31.81
N ASN E 181 -13.55 5.60 31.39
CA ASN E 181 -12.83 6.56 32.24
C ASN E 181 -13.08 7.96 31.72
N SER E 182 -13.31 8.90 32.63
CA SER E 182 -13.53 10.30 32.33
C SER E 182 -12.59 11.06 33.23
N VAL E 183 -11.80 11.93 32.62
CA VAL E 183 -10.87 12.76 33.36
C VAL E 183 -11.18 14.21 33.03
N THR E 184 -11.11 15.06 34.05
CA THR E 184 -11.14 16.50 33.87
C THR E 184 -9.83 17.00 34.45
N TYR E 185 -9.09 17.77 33.65
CA TYR E 185 -7.77 18.32 34.01
C TYR E 185 -7.95 19.74 34.55
N SER E 186 -7.05 20.16 35.45
CA SER E 186 -7.15 21.46 36.08
C SER E 186 -7.14 22.57 35.06
N CYS E 187 -6.29 22.44 34.03
CA CYS E 187 -6.12 23.46 32.99
C CYS E 187 -7.38 23.80 32.20
N CYS E 188 -8.26 22.82 31.99
CA CYS E 188 -9.13 22.77 30.82
C CYS E 188 -10.52 22.32 31.25
N PRO E 189 -11.59 23.05 30.86
CA PRO E 189 -12.93 22.84 31.44
C PRO E 189 -13.58 21.50 31.04
N GLU E 190 -13.43 21.08 29.78
CA GLU E 190 -14.04 19.87 29.23
C GLU E 190 -13.40 18.56 29.73
N ALA E 191 -14.15 17.47 29.59
CA ALA E 191 -13.74 16.12 30.03
C ALA E 191 -13.20 15.27 28.89
N TYR E 192 -12.26 14.38 29.21
CA TYR E 192 -11.63 13.44 28.25
C TYR E 192 -11.95 11.99 28.65
N GLU E 193 -12.45 11.23 27.68
CA GLU E 193 -13.01 9.92 27.90
C GLU E 193 -12.17 8.93 27.15
N ASP E 194 -12.13 7.72 27.70
CA ASP E 194 -11.71 6.57 26.96
C ASP E 194 -12.38 5.33 27.52
N VAL E 195 -12.31 4.27 26.73
CA VAL E 195 -12.74 2.97 27.13
C VAL E 195 -11.52 2.13 27.34
N GLU E 196 -11.40 1.57 28.55
CA GLU E 196 -10.30 0.71 28.91
C GLU E 196 -10.80 -0.72 28.80
N VAL E 197 -10.19 -1.48 27.87
CA VAL E 197 -10.52 -2.86 27.64
C VAL E 197 -9.44 -3.69 28.28
N SER E 198 -9.83 -4.52 29.26
CA SER E 198 -8.90 -5.33 30.04
C SER E 198 -9.13 -6.77 29.65
N LEU E 199 -8.10 -7.35 29.03
CA LEU E 199 -8.15 -8.66 28.44
C LEU E 199 -7.29 -9.54 29.33
N ASN E 200 -7.97 -10.36 30.14
CA ASN E 200 -7.36 -11.29 31.06
C ASN E 200 -7.34 -12.66 30.36
N PHE E 201 -6.14 -13.19 30.11
CA PHE E 201 -5.95 -14.38 29.28
C PHE E 201 -4.73 -15.13 29.73
N ARG E 202 -4.62 -16.40 29.32
CA ARG E 202 -3.45 -17.24 29.68
C ARG E 202 -3.19 -18.30 28.60
N LYS E 203 -1.98 -18.86 28.59
CA LYS E 203 -1.59 -19.94 27.68
C LYS E 203 -2.35 -21.12 28.18
N LYS E 204 -2.94 -21.89 27.27
CA LYS E 204 -3.58 -23.16 27.64
C LYS E 204 -2.50 -24.15 28.09
N GLY E 205 -2.84 -25.04 29.02
CA GLY E 205 -1.86 -25.67 29.88
C GLY E 205 -0.90 -26.58 29.15
N GLY F 1 28.44 21.46 4.94
CA GLY F 1 28.09 22.57 4.04
C GLY F 1 26.65 22.50 3.63
N CYS F 2 26.28 23.44 2.75
CA CYS F 2 24.95 23.55 2.22
C CYS F 2 24.43 22.16 1.75
N CYS F 3 25.25 21.45 0.96
CA CYS F 3 24.80 20.30 0.22
C CYS F 3 24.37 19.10 1.06
N SER F 4 24.81 19.03 2.33
CA SER F 4 24.38 18.02 3.24
C SER F 4 23.12 18.34 4.04
N HIS F 5 22.54 19.52 3.79
CA HIS F 5 21.20 19.83 4.26
C HIS F 5 20.28 19.72 3.04
N PRO F 6 19.24 18.85 3.07
CA PRO F 6 18.48 18.51 1.88
C PRO F 6 17.84 19.74 1.23
N ALA F 7 17.31 20.65 2.02
CA ALA F 7 16.65 21.86 1.53
C ALA F 7 17.69 22.82 0.92
N CYS F 8 18.87 22.93 1.52
CA CYS F 8 19.88 23.85 1.00
C CYS F 8 20.37 23.34 -0.34
N ASN F 9 20.53 22.02 -0.40
CA ASN F 9 20.92 21.33 -1.61
C ASN F 9 20.06 21.73 -2.82
N VAL F 10 18.77 21.41 -2.75
CA VAL F 10 17.83 21.65 -3.85
C VAL F 10 17.52 23.15 -4.06
N ASN F 11 17.77 23.98 -3.04
CA ASN F 11 17.66 25.42 -3.18
C ASN F 11 18.86 26.03 -3.90
N ASN F 12 19.96 25.28 -4.02
CA ASN F 12 21.20 25.84 -4.57
C ASN F 12 21.81 24.98 -5.66
N PRO F 13 21.17 24.92 -6.85
CA PRO F 13 21.66 24.09 -7.96
C PRO F 13 23.13 24.42 -8.32
N HIS F 14 23.47 25.72 -8.41
CA HIS F 14 24.82 26.13 -8.81
C HIS F 14 25.90 25.72 -7.80
N ILE F 15 25.52 25.56 -6.53
CA ILE F 15 26.44 25.11 -5.49
C ILE F 15 26.51 23.59 -5.35
N CYS F 16 25.34 22.94 -5.38
CA CYS F 16 25.22 21.51 -5.08
C CYS F 16 24.91 20.71 -6.32
N GLY F 17 25.20 19.41 -6.24
CA GLY F 17 25.33 18.61 -7.43
C GLY F 17 25.17 19.42 -8.73
N NH2 F 18 24.43 19.38 -9.86
N GLY G 1 23.60 -6.38 -26.43
CA GLY G 1 23.03 -5.59 -27.51
C GLY G 1 21.81 -4.81 -27.10
N CYS G 2 21.13 -4.27 -28.11
CA CYS G 2 19.98 -3.44 -27.94
C CYS G 2 18.98 -4.04 -26.95
N CYS G 3 18.64 -5.32 -27.14
CA CYS G 3 17.50 -5.91 -26.43
C CYS G 3 17.64 -6.05 -24.92
N SER G 4 18.89 -6.04 -24.43
CA SER G 4 19.15 -6.09 -23.01
C SER G 4 19.28 -4.72 -22.37
N HIS G 5 19.06 -3.65 -23.14
CA HIS G 5 18.88 -2.30 -22.60
C HIS G 5 17.37 -2.03 -22.73
N PRO G 6 16.67 -1.76 -21.60
CA PRO G 6 15.20 -1.77 -21.62
C PRO G 6 14.63 -0.76 -22.61
N ALA G 7 15.24 0.43 -22.69
CA ALA G 7 14.76 1.48 -23.57
C ALA G 7 14.99 1.12 -25.04
N CYS G 8 16.13 0.48 -25.33
CA CYS G 8 16.45 0.14 -26.70
C CYS G 8 15.48 -0.93 -27.17
N ASN G 9 15.20 -1.87 -26.29
CA ASN G 9 14.26 -2.94 -26.53
C ASN G 9 12.93 -2.42 -27.06
N VAL G 10 12.23 -1.63 -26.22
CA VAL G 10 10.90 -1.13 -26.52
C VAL G 10 10.88 -0.07 -27.63
N ASN G 11 12.04 0.56 -27.87
CA ASN G 11 12.17 1.47 -29.00
C ASN G 11 12.38 0.75 -30.32
N ASN G 12 12.69 -0.55 -30.29
CA ASN G 12 13.03 -1.28 -31.51
C ASN G 12 12.26 -2.59 -31.65
N PRO G 13 10.94 -2.50 -31.93
CA PRO G 13 10.09 -3.68 -32.09
C PRO G 13 10.65 -4.69 -33.13
N HIS G 14 11.08 -4.18 -34.29
CA HIS G 14 11.56 -5.06 -35.38
C HIS G 14 12.83 -5.82 -35.01
N ILE G 15 13.65 -5.25 -34.11
CA ILE G 15 14.89 -5.88 -33.66
C ILE G 15 14.68 -6.80 -32.46
N CYS G 16 13.87 -6.36 -31.48
CA CYS G 16 13.71 -7.04 -30.20
C CYS G 16 12.32 -7.68 -30.11
N GLY G 17 12.19 -8.63 -29.19
CA GLY G 17 11.17 -9.65 -29.37
C GLY G 17 11.17 -10.08 -30.83
N NH2 G 18 9.94 -10.65 -31.29
N GLY H 1 -10.27 -30.19 -16.70
CA GLY H 1 -11.45 -29.67 -17.42
C GLY H 1 -11.52 -28.16 -17.34
N CYS H 2 -12.63 -27.64 -17.88
CA CYS H 2 -12.83 -26.22 -18.04
C CYS H 2 -12.54 -25.48 -16.73
N CYS H 3 -13.11 -25.98 -15.63
CA CYS H 3 -13.18 -25.24 -14.38
C CYS H 3 -11.85 -24.96 -13.69
N SER H 4 -10.82 -25.75 -14.03
CA SER H 4 -9.48 -25.54 -13.53
C SER H 4 -8.61 -24.64 -14.40
N HIS H 5 -9.19 -24.11 -15.48
CA HIS H 5 -8.57 -23.01 -16.22
C HIS H 5 -9.37 -21.75 -15.86
N PRO H 6 -8.71 -20.70 -15.29
CA PRO H 6 -9.44 -19.58 -14.70
C PRO H 6 -10.38 -18.89 -15.68
N ALA H 7 -9.90 -18.69 -16.92
CA ALA H 7 -10.68 -18.01 -17.95
C ALA H 7 -11.89 -18.88 -18.39
N CYS H 8 -11.69 -20.20 -18.48
CA CYS H 8 -12.77 -21.09 -18.93
C CYS H 8 -13.85 -21.10 -17.87
N ASN H 9 -13.41 -21.14 -16.61
CA ASN H 9 -14.30 -21.14 -15.47
C ASN H 9 -15.32 -19.98 -15.56
N VAL H 10 -14.79 -18.73 -15.52
CA VAL H 10 -15.62 -17.54 -15.50
C VAL H 10 -16.35 -17.27 -16.83
N ASN H 11 -15.86 -17.89 -17.92
CA ASN H 11 -16.58 -17.82 -19.20
C ASN H 11 -17.75 -18.81 -19.27
N ASN H 12 -17.82 -19.77 -18.36
CA ASN H 12 -18.80 -20.85 -18.46
C ASN H 12 -19.57 -21.08 -17.16
N PRO H 13 -20.48 -20.14 -16.81
CA PRO H 13 -21.33 -20.29 -15.62
C PRO H 13 -22.09 -21.64 -15.58
N HIS H 14 -22.69 -22.06 -16.69
CA HIS H 14 -23.53 -23.27 -16.72
C HIS H 14 -22.69 -24.54 -16.47
N ILE H 15 -21.40 -24.51 -16.82
CA ILE H 15 -20.50 -25.64 -16.62
C ILE H 15 -19.81 -25.61 -15.25
N CYS H 16 -19.35 -24.43 -14.81
CA CYS H 16 -18.54 -24.28 -13.60
C CYS H 16 -19.32 -23.58 -12.51
N GLY H 17 -18.83 -23.67 -11.28
CA GLY H 17 -19.38 -22.86 -10.22
C GLY H 17 -20.27 -21.71 -10.73
N NH2 H 18 -21.33 -21.26 -10.14
N GLY I 1 -25.09 -17.25 19.29
CA GLY I 1 -26.27 -16.39 19.02
C GLY I 1 -25.96 -15.42 17.91
N CYS I 2 -26.94 -14.57 17.68
CA CYS I 2 -26.91 -13.53 16.72
C CYS I 2 -25.58 -12.76 16.72
N CYS I 3 -25.15 -12.32 17.90
CA CYS I 3 -24.07 -11.31 17.99
C CYS I 3 -22.69 -11.79 17.55
N SER I 4 -22.49 -13.10 17.54
CA SER I 4 -21.25 -13.68 17.06
C SER I 4 -21.28 -14.03 15.58
N HIS I 5 -22.36 -13.72 14.89
CA HIS I 5 -22.38 -13.69 13.43
C HIS I 5 -22.35 -12.21 13.01
N PRO I 6 -21.34 -11.77 12.25
CA PRO I 6 -21.11 -10.33 12.02
C PRO I 6 -22.31 -9.63 11.39
N ALA I 7 -22.96 -10.29 10.42
CA ALA I 7 -24.11 -9.72 9.75
C ALA I 7 -25.32 -9.61 10.66
N CYS I 8 -25.51 -10.63 11.53
CA CYS I 8 -26.66 -10.63 12.40
C CYS I 8 -26.50 -9.53 13.41
N ASN I 9 -25.26 -9.38 13.91
CA ASN I 9 -24.90 -8.35 14.86
C ASN I 9 -25.37 -6.97 14.41
N VAL I 10 -24.85 -6.51 13.27
CA VAL I 10 -25.11 -5.15 12.76
C VAL I 10 -26.53 -5.01 12.24
N ASN I 11 -27.18 -6.13 11.90
CA ASN I 11 -28.61 -6.09 11.51
C ASN I 11 -29.54 -6.00 12.69
N ASN I 12 -29.03 -6.21 13.91
CA ASN I 12 -29.88 -6.26 15.10
C ASN I 12 -29.31 -5.40 16.22
N PRO I 13 -29.40 -4.05 16.08
CA PRO I 13 -28.95 -3.14 17.12
C PRO I 13 -29.59 -3.43 18.50
N HIS I 14 -30.91 -3.68 18.54
CA HIS I 14 -31.62 -3.94 19.80
C HIS I 14 -31.12 -5.21 20.54
N ILE I 15 -30.62 -6.19 19.80
CA ILE I 15 -30.09 -7.42 20.35
C ILE I 15 -28.61 -7.33 20.71
N CYS I 16 -27.82 -6.75 19.80
CA CYS I 16 -26.36 -6.75 19.87
C CYS I 16 -25.80 -5.37 20.10
N GLY I 17 -24.51 -5.27 20.37
CA GLY I 17 -24.05 -4.15 21.17
C GLY I 17 -25.16 -3.15 21.50
N NH2 I 18 -25.69 -2.42 22.47
N GLY J 1 -1.13 14.86 32.78
CA GLY J 1 -2.27 15.80 32.68
C GLY J 1 -2.75 15.88 31.24
N CYS J 2 -3.29 17.05 30.89
CA CYS J 2 -3.88 17.28 29.60
C CYS J 2 -3.00 16.78 28.46
N CYS J 3 -1.71 17.16 28.50
CA CYS J 3 -0.84 17.00 27.33
C CYS J 3 -0.53 15.57 26.92
N SER J 4 -0.70 14.62 27.85
CA SER J 4 -0.51 13.22 27.55
C SER J 4 -1.78 12.50 27.10
N HIS J 5 -2.89 13.24 26.99
CA HIS J 5 -4.08 12.76 26.31
C HIS J 5 -4.11 13.46 24.94
N PRO J 6 -4.08 12.72 23.82
CA PRO J 6 -3.83 13.31 22.51
C PRO J 6 -4.85 14.39 22.15
N ALA J 7 -6.12 14.15 22.47
CA ALA J 7 -7.19 15.08 22.16
C ALA J 7 -7.08 16.35 23.02
N CYS J 8 -6.71 16.20 24.29
CA CYS J 8 -6.63 17.34 25.19
C CYS J 8 -5.49 18.22 24.73
N ASN J 9 -4.39 17.57 24.34
CA ASN J 9 -3.21 18.23 23.83
C ASN J 9 -3.56 19.23 22.71
N VAL J 10 -4.09 18.70 21.59
CA VAL J 10 -4.39 19.49 20.41
C VAL J 10 -5.58 20.45 20.60
N ASN J 11 -6.42 20.18 21.61
CA ASN J 11 -7.49 21.09 21.96
C ASN J 11 -7.00 22.28 22.80
N ASN J 12 -5.80 22.19 23.35
CA ASN J 12 -5.31 23.20 24.30
C ASN J 12 -3.92 23.71 23.94
N PRO J 13 -3.80 24.49 22.84
CA PRO J 13 -2.51 25.05 22.41
C PRO J 13 -1.80 25.84 23.54
N HIS J 14 -2.53 26.68 24.28
CA HIS J 14 -1.94 27.50 25.34
C HIS J 14 -1.35 26.67 26.49
N ILE J 15 -1.88 25.47 26.72
CA ILE J 15 -1.40 24.59 27.77
C ILE J 15 -0.27 23.66 27.28
N CYS J 16 -0.47 23.08 26.09
CA CYS J 16 0.39 22.03 25.56
C CYS J 16 1.20 22.51 24.38
N GLY J 17 2.24 21.74 24.06
CA GLY J 17 3.20 22.14 23.07
C GLY J 17 2.71 23.29 22.24
N NH2 J 18 2.31 23.49 20.94
#